data_5WSQ
# 
_entry.id   5WSQ 
# 
_audit_conform.dict_name       mmcif_pdbx.dic 
_audit_conform.dict_version    5.387 
_audit_conform.dict_location   http://mmcif.pdb.org/dictionaries/ascii/mmcif_pdbx.dic 
# 
loop_
_database_2.database_id 
_database_2.database_code 
_database_2.pdbx_database_accession 
_database_2.pdbx_DOI 
PDB   5WSQ         pdb_00005wsq 10.2210/pdb5wsq/pdb 
WWPDB D_1300002323 ?            ?                   
# 
loop_
_pdbx_audit_revision_history.ordinal 
_pdbx_audit_revision_history.data_content_type 
_pdbx_audit_revision_history.major_revision 
_pdbx_audit_revision_history.minor_revision 
_pdbx_audit_revision_history.revision_date 
1 'Structure model' 1 0 2017-02-08 
2 'Structure model' 1 1 2017-05-03 
3 'Structure model' 1 2 2017-08-30 
4 'Structure model' 1 3 2024-03-20 
# 
_pdbx_audit_revision_details.ordinal             1 
_pdbx_audit_revision_details.revision_ordinal    1 
_pdbx_audit_revision_details.data_content_type   'Structure model' 
_pdbx_audit_revision_details.provider            repository 
_pdbx_audit_revision_details.type                'Initial release' 
_pdbx_audit_revision_details.description         ? 
_pdbx_audit_revision_details.details             ? 
# 
loop_
_pdbx_audit_revision_group.ordinal 
_pdbx_audit_revision_group.revision_ordinal 
_pdbx_audit_revision_group.data_content_type 
_pdbx_audit_revision_group.group 
1 2 'Structure model' 'Database references'  
2 3 'Structure model' 'Data collection'      
3 4 'Structure model' 'Data collection'      
4 4 'Structure model' 'Database references'  
5 4 'Structure model' 'Derived calculations' 
# 
loop_
_pdbx_audit_revision_category.ordinal 
_pdbx_audit_revision_category.revision_ordinal 
_pdbx_audit_revision_category.data_content_type 
_pdbx_audit_revision_category.category 
1 3 'Structure model' diffrn_detector 
2 4 'Structure model' chem_comp_atom  
3 4 'Structure model' chem_comp_bond  
4 4 'Structure model' database_2      
5 4 'Structure model' struct_conn     
# 
loop_
_pdbx_audit_revision_item.ordinal 
_pdbx_audit_revision_item.revision_ordinal 
_pdbx_audit_revision_item.data_content_type 
_pdbx_audit_revision_item.item 
1  3 'Structure model' '_diffrn_detector.detector'           
2  4 'Structure model' '_database_2.pdbx_DOI'                
3  4 'Structure model' '_database_2.pdbx_database_accession' 
4  4 'Structure model' '_struct_conn.ptnr1_auth_asym_id'     
5  4 'Structure model' '_struct_conn.ptnr1_auth_comp_id'     
6  4 'Structure model' '_struct_conn.ptnr1_auth_seq_id'      
7  4 'Structure model' '_struct_conn.ptnr1_label_asym_id'    
8  4 'Structure model' '_struct_conn.ptnr1_label_atom_id'    
9  4 'Structure model' '_struct_conn.ptnr1_label_comp_id'    
10 4 'Structure model' '_struct_conn.ptnr1_label_seq_id'     
11 4 'Structure model' '_struct_conn.ptnr2_auth_asym_id'     
12 4 'Structure model' '_struct_conn.ptnr2_auth_comp_id'     
13 4 'Structure model' '_struct_conn.ptnr2_auth_seq_id'      
14 4 'Structure model' '_struct_conn.ptnr2_label_asym_id'    
15 4 'Structure model' '_struct_conn.ptnr2_label_atom_id'    
16 4 'Structure model' '_struct_conn.ptnr2_label_comp_id'    
17 4 'Structure model' '_struct_conn.ptnr2_label_seq_id'     
# 
_pdbx_database_status.status_code                     REL 
_pdbx_database_status.status_code_sf                  REL 
_pdbx_database_status.status_code_mr                  ? 
_pdbx_database_status.entry_id                        5WSQ 
_pdbx_database_status.recvd_initial_deposition_date   2016-12-08 
_pdbx_database_status.SG_entry                        N 
_pdbx_database_status.deposit_site                    PDBJ 
_pdbx_database_status.process_site                    PDBJ 
_pdbx_database_status.status_code_cs                  ? 
_pdbx_database_status.methods_development_category    ? 
_pdbx_database_status.pdb_format_compatible           Y 
_pdbx_database_status.status_code_nmr_data            ? 
# 
loop_
_pdbx_database_related.content_type 
_pdbx_database_related.db_id 
_pdbx_database_related.db_name 
_pdbx_database_related.details 
unspecified 5WSP PDB . 
unspecified 5WSR PDB . 
unspecified 5WSS PDB . 
# 
loop_
_audit_author.name 
_audit_author.pdbx_ordinal 
_audit_author.identifier_ORCID 
'Gan, J.H.' 1 ? 
'Liu, H.H.' 2 ? 
# 
_citation.abstract                  ? 
_citation.abstract_id_CAS           ? 
_citation.book_id_ISBN              ? 
_citation.book_publisher            ? 
_citation.book_publisher_city       ? 
_citation.book_title                ? 
_citation.coordinate_linkage        ? 
_citation.country                   UK 
_citation.database_id_Medline       ? 
_citation.details                   ? 
_citation.id                        primary 
_citation.journal_abbrev            'Nucleic Acids Res.' 
_citation.journal_id_ASTM           NARHAD 
_citation.journal_id_CSD            0389 
_citation.journal_id_ISSN           1362-4962 
_citation.journal_full              ? 
_citation.journal_issue             ? 
_citation.journal_volume            45 
_citation.language                  ? 
_citation.page_first                2910 
_citation.page_last                 2918 
_citation.title                     'Flexibility and stabilization of HgII-mediated C:T and T:T base pairs in DNA duplex' 
_citation.year                      2017 
_citation.database_id_CSD           ? 
_citation.pdbx_database_id_DOI      10.1093/nar/gkw1296 
_citation.pdbx_database_id_PubMed   27998930 
_citation.unpublished_flag          ? 
# 
loop_
_citation_author.citation_id 
_citation_author.name 
_citation_author.ordinal 
_citation_author.identifier_ORCID 
primary 'Liu, H.H.'           1  ? 
primary 'Cai, C.'             2  ? 
primary 'Haruehanroengra, P.' 3  ? 
primary 'Yao, Q.Q.'           4  ? 
primary 'Chen, Y.Q.'          5  ? 
primary 'Yang, C.'            6  ? 
primary 'Luo, Q.'             7  ? 
primary 'Wu, B.X.'            8  ? 
primary 'Li, J.X.'            9  ? 
primary 'Ma, J.B.'            10 ? 
primary 'Sheng, J.'           11 ? 
primary 'Gan, J.H.'           12 ? 
# 
loop_
_entity.id 
_entity.type 
_entity.src_method 
_entity.pdbx_description 
_entity.formula_weight 
_entity.pdbx_number_of_molecules 
_entity.pdbx_ec 
_entity.pdbx_mutation 
_entity.pdbx_fragment 
_entity.details 
1 polymer     syn 
;DNA (5'-D(*GP*CP*CP*CP*GP*TP*GP*C)-3')
;
2403.580 2  ? ? ? ? 
2 non-polymer syn 'MERCURY (II) ION'                       200.590  2  ? ? ? ? 
3 non-polymer syn 1,3-PROPANDIOL                           76.094   1  ? ? ? ? 
4 water       nat water                                    18.015   62 ? ? ? ? 
# 
_entity_poly.entity_id                      1 
_entity_poly.type                           polydeoxyribonucleotide 
_entity_poly.nstd_linkage                   no 
_entity_poly.nstd_monomer                   no 
_entity_poly.pdbx_seq_one_letter_code       '(DG)(DC)(DC)(DC)(DG)(DT)(DG)(DC)' 
_entity_poly.pdbx_seq_one_letter_code_can   GCCCGTGC 
_entity_poly.pdbx_strand_id                 A,B 
_entity_poly.pdbx_target_identifier         ? 
# 
loop_
_pdbx_entity_nonpoly.entity_id 
_pdbx_entity_nonpoly.name 
_pdbx_entity_nonpoly.comp_id 
2 'MERCURY (II) ION' HG  
3 1,3-PROPANDIOL     PDO 
4 water              HOH 
# 
loop_
_entity_poly_seq.entity_id 
_entity_poly_seq.num 
_entity_poly_seq.mon_id 
_entity_poly_seq.hetero 
1 1 DG n 
1 2 DC n 
1 3 DC n 
1 4 DC n 
1 5 DG n 
1 6 DT n 
1 7 DG n 
1 8 DC n 
# 
_pdbx_entity_src_syn.entity_id              1 
_pdbx_entity_src_syn.pdbx_src_id            1 
_pdbx_entity_src_syn.pdbx_alt_source_flag   sample 
_pdbx_entity_src_syn.pdbx_beg_seq_num       1 
_pdbx_entity_src_syn.pdbx_end_seq_num       8 
_pdbx_entity_src_syn.organism_scientific    unidentified 
_pdbx_entity_src_syn.organism_common_name   ? 
_pdbx_entity_src_syn.ncbi_taxonomy_id       32644 
_pdbx_entity_src_syn.details                ? 
# 
loop_
_chem_comp.id 
_chem_comp.type 
_chem_comp.mon_nstd_flag 
_chem_comp.name 
_chem_comp.pdbx_synonyms 
_chem_comp.formula 
_chem_comp.formula_weight 
DC  'DNA linking' y "2'-DEOXYCYTIDINE-5'-MONOPHOSPHATE"  ? 'C9 H14 N3 O7 P'  307.197 
DG  'DNA linking' y "2'-DEOXYGUANOSINE-5'-MONOPHOSPHATE" ? 'C10 H14 N5 O7 P' 347.221 
DT  'DNA linking' y "THYMIDINE-5'-MONOPHOSPHATE"         ? 'C10 H15 N2 O8 P' 322.208 
HG  non-polymer   . 'MERCURY (II) ION'                   ? 'Hg 2'            200.590 
HOH non-polymer   . WATER                                ? 'H2 O'            18.015  
PDO non-polymer   . 1,3-PROPANDIOL                       ? 'C3 H8 O2'        76.094  
# 
loop_
_pdbx_poly_seq_scheme.asym_id 
_pdbx_poly_seq_scheme.entity_id 
_pdbx_poly_seq_scheme.seq_id 
_pdbx_poly_seq_scheme.mon_id 
_pdbx_poly_seq_scheme.ndb_seq_num 
_pdbx_poly_seq_scheme.pdb_seq_num 
_pdbx_poly_seq_scheme.auth_seq_num 
_pdbx_poly_seq_scheme.pdb_mon_id 
_pdbx_poly_seq_scheme.auth_mon_id 
_pdbx_poly_seq_scheme.pdb_strand_id 
_pdbx_poly_seq_scheme.pdb_ins_code 
_pdbx_poly_seq_scheme.hetero 
A 1 1 DG 1 1 1 DG DG A . n 
A 1 2 DC 2 2 2 DC DC A . n 
A 1 3 DC 3 3 3 DC DC A . n 
A 1 4 DC 4 4 4 DC DC A . n 
A 1 5 DG 5 5 5 DG DG A . n 
A 1 6 DT 6 6 6 DT DT A . n 
A 1 7 DG 7 7 7 DG DG A . n 
A 1 8 DC 8 8 8 DC DC A . n 
B 1 1 DG 1 1 1 DG DG B . n 
B 1 2 DC 2 2 2 DC DC B . n 
B 1 3 DC 3 3 3 DC DC B . n 
B 1 4 DC 4 4 4 DC DC B . n 
B 1 5 DG 5 5 5 DG DG B . n 
B 1 6 DT 6 6 6 DT DT B . n 
B 1 7 DG 7 7 7 DG DG B . n 
B 1 8 DC 8 8 8 DC DC B . n 
# 
loop_
_pdbx_nonpoly_scheme.asym_id 
_pdbx_nonpoly_scheme.entity_id 
_pdbx_nonpoly_scheme.mon_id 
_pdbx_nonpoly_scheme.ndb_seq_num 
_pdbx_nonpoly_scheme.pdb_seq_num 
_pdbx_nonpoly_scheme.auth_seq_num 
_pdbx_nonpoly_scheme.pdb_mon_id 
_pdbx_nonpoly_scheme.auth_mon_id 
_pdbx_nonpoly_scheme.pdb_strand_id 
_pdbx_nonpoly_scheme.pdb_ins_code 
C 2 HG  1  101 6    HG  HG  A . 
D 2 HG  1  101 7    HG  HG  B . 
E 3 PDO 1  102 1001 PDO MPD B . 
F 4 HOH 1  201 14   HOH HOH A . 
F 4 HOH 2  202 42   HOH HOH A . 
F 4 HOH 3  203 19   HOH HOH A . 
F 4 HOH 4  204 15   HOH HOH A . 
F 4 HOH 5  205 23   HOH HOH A . 
F 4 HOH 6  206 7    HOH HOH A . 
F 4 HOH 7  207 28   HOH HOH A . 
F 4 HOH 8  208 20   HOH HOH A . 
F 4 HOH 9  209 3    HOH HOH A . 
F 4 HOH 10 210 9    HOH HOH A . 
F 4 HOH 11 211 4    HOH HOH A . 
F 4 HOH 12 212 11   HOH HOH A . 
F 4 HOH 13 213 6    HOH HOH A . 
F 4 HOH 14 214 25   HOH HOH A . 
F 4 HOH 15 215 24   HOH HOH A . 
F 4 HOH 16 216 32   HOH HOH A . 
F 4 HOH 17 217 41   HOH HOH A . 
F 4 HOH 18 218 12   HOH HOH A . 
F 4 HOH 19 219 62   HOH HOH A . 
F 4 HOH 20 220 21   HOH HOH A . 
F 4 HOH 21 221 44   HOH HOH A . 
F 4 HOH 22 222 16   HOH HOH A . 
F 4 HOH 23 223 45   HOH HOH A . 
F 4 HOH 24 224 33   HOH HOH A . 
F 4 HOH 25 225 13   HOH HOH A . 
F 4 HOH 26 226 43   HOH HOH A . 
F 4 HOH 27 227 52   HOH HOH A . 
F 4 HOH 28 228 31   HOH HOH A . 
F 4 HOH 29 229 57   HOH HOH A . 
F 4 HOH 30 230 48   HOH HOH A . 
F 4 HOH 31 231 56   HOH HOH A . 
F 4 HOH 32 232 55   HOH HOH A . 
F 4 HOH 33 233 30   HOH HOH A . 
F 4 HOH 34 234 10   HOH HOH A . 
F 4 HOH 35 235 29   HOH HOH A . 
F 4 HOH 36 236 61   HOH HOH A . 
G 4 HOH 1  201 38   HOH HOH B . 
G 4 HOH 2  202 35   HOH HOH B . 
G 4 HOH 3  203 46   HOH HOH B . 
G 4 HOH 4  204 59   HOH HOH B . 
G 4 HOH 5  205 18   HOH HOH B . 
G 4 HOH 6  206 2    HOH HOH B . 
G 4 HOH 7  207 60   HOH HOH B . 
G 4 HOH 8  208 8    HOH HOH B . 
G 4 HOH 9  209 5    HOH HOH B . 
G 4 HOH 10 210 34   HOH HOH B . 
G 4 HOH 11 211 27   HOH HOH B . 
G 4 HOH 12 212 26   HOH HOH B . 
G 4 HOH 13 213 37   HOH HOH B . 
G 4 HOH 14 214 1    HOH HOH B . 
G 4 HOH 15 215 36   HOH HOH B . 
G 4 HOH 16 216 22   HOH HOH B . 
G 4 HOH 17 217 50   HOH HOH B . 
G 4 HOH 18 218 53   HOH HOH B . 
G 4 HOH 19 219 51   HOH HOH B . 
G 4 HOH 20 220 54   HOH HOH B . 
G 4 HOH 21 221 17   HOH HOH B . 
G 4 HOH 22 222 47   HOH HOH B . 
G 4 HOH 23 223 39   HOH HOH B . 
G 4 HOH 24 224 49   HOH HOH B . 
G 4 HOH 25 225 58   HOH HOH B . 
G 4 HOH 26 226 40   HOH HOH B . 
# 
loop_
_software.citation_id 
_software.classification 
_software.compiler_name 
_software.compiler_version 
_software.contact_author 
_software.contact_author_email 
_software.date 
_software.description 
_software.dependencies 
_software.hardware 
_software.language 
_software.location 
_software.mods 
_software.name 
_software.os 
_software.os_version 
_software.type 
_software.version 
_software.pdbx_ordinal 
? refinement       ? ? ? ? ? ? ? ? ? ? ? REFMAC   ? ? ? 5.8.0135 1 
? 'data reduction' ? ? ? ? ? ? ? ? ? ? ? HKL-3000 ? ? ? .        2 
? 'data scaling'   ? ? ? ? ? ? ? ? ? ? ? HKL-3000 ? ? ? .        3 
? phasing          ? ? ? ? ? ? ? ? ? ? ? SHELXDE  ? ? ? .        4 
# 
_cell.angle_alpha                  90.00 
_cell.angle_alpha_esd              ? 
_cell.angle_beta                   90.00 
_cell.angle_beta_esd               ? 
_cell.angle_gamma                  90.00 
_cell.angle_gamma_esd              ? 
_cell.entry_id                     5WSQ 
_cell.details                      ? 
_cell.formula_units_Z              ? 
_cell.length_a                     37.848 
_cell.length_a_esd                 ? 
_cell.length_b                     51.138 
_cell.length_b_esd                 ? 
_cell.length_c                     21.593 
_cell.length_c_esd                 ? 
_cell.volume                       ? 
_cell.volume_esd                   ? 
_cell.Z_PDB                        8 
_cell.reciprocal_angle_alpha       ? 
_cell.reciprocal_angle_beta        ? 
_cell.reciprocal_angle_gamma       ? 
_cell.reciprocal_angle_alpha_esd   ? 
_cell.reciprocal_angle_beta_esd    ? 
_cell.reciprocal_angle_gamma_esd   ? 
_cell.reciprocal_length_a          ? 
_cell.reciprocal_length_b          ? 
_cell.reciprocal_length_c          ? 
_cell.reciprocal_length_a_esd      ? 
_cell.reciprocal_length_b_esd      ? 
_cell.reciprocal_length_c_esd      ? 
_cell.pdbx_unique_axis             ? 
# 
_symmetry.entry_id                         5WSQ 
_symmetry.cell_setting                     ? 
_symmetry.Int_Tables_number                18 
_symmetry.space_group_name_Hall            ? 
_symmetry.space_group_name_H-M             'P 21 21 2' 
_symmetry.pdbx_full_space_group_name_H-M   ? 
# 
_exptl.absorpt_coefficient_mu     ? 
_exptl.absorpt_correction_T_max   ? 
_exptl.absorpt_correction_T_min   ? 
_exptl.absorpt_correction_type    ? 
_exptl.absorpt_process_details    ? 
_exptl.entry_id                   5WSQ 
_exptl.crystals_number            1 
_exptl.details                    ? 
_exptl.method                     'X-RAY DIFFRACTION' 
_exptl.method_details             ? 
# 
_exptl_crystal.colour                      ? 
_exptl_crystal.density_diffrn              ? 
_exptl_crystal.density_Matthews            2.17 
_exptl_crystal.density_method              ? 
_exptl_crystal.density_percent_sol         43.41 
_exptl_crystal.description                 ? 
_exptl_crystal.F_000                       ? 
_exptl_crystal.id                          1 
_exptl_crystal.preparation                 ? 
_exptl_crystal.size_max                    ? 
_exptl_crystal.size_mid                    ? 
_exptl_crystal.size_min                    ? 
_exptl_crystal.size_rad                    ? 
_exptl_crystal.colour_lustre               ? 
_exptl_crystal.colour_modifier             ? 
_exptl_crystal.colour_primary              ? 
_exptl_crystal.density_meas                ? 
_exptl_crystal.density_meas_esd            ? 
_exptl_crystal.density_meas_gt             ? 
_exptl_crystal.density_meas_lt             ? 
_exptl_crystal.density_meas_temp           ? 
_exptl_crystal.density_meas_temp_esd       ? 
_exptl_crystal.density_meas_temp_gt        ? 
_exptl_crystal.density_meas_temp_lt        ? 
_exptl_crystal.pdbx_crystal_image_url      ? 
_exptl_crystal.pdbx_crystal_image_format   ? 
_exptl_crystal.pdbx_mosaicity              ? 
_exptl_crystal.pdbx_mosaicity_esd          ? 
# 
_exptl_crystal_grow.apparatus       ? 
_exptl_crystal_grow.atmosphere      ? 
_exptl_crystal_grow.crystal_id      1 
_exptl_crystal_grow.details         ? 
_exptl_crystal_grow.method          'VAPOR DIFFUSION, HANGING DROP' 
_exptl_crystal_grow.method_ref      ? 
_exptl_crystal_grow.pH              ? 
_exptl_crystal_grow.pressure        ? 
_exptl_crystal_grow.pressure_esd    ? 
_exptl_crystal_grow.seeding         ? 
_exptl_crystal_grow.seeding_ref     ? 
_exptl_crystal_grow.temp            298 
_exptl_crystal_grow.temp_details    ? 
_exptl_crystal_grow.temp_esd        ? 
_exptl_crystal_grow.time            ? 
_exptl_crystal_grow.pdbx_details    '10% v/v MPD' 
_exptl_crystal_grow.pdbx_pH_range   ? 
# 
_diffrn.ambient_environment    ? 
_diffrn.ambient_temp           100 
_diffrn.ambient_temp_details   ? 
_diffrn.ambient_temp_esd       ? 
_diffrn.crystal_id             1 
_diffrn.crystal_support        ? 
_diffrn.crystal_treatment      ? 
_diffrn.details                ? 
_diffrn.id                     1 
_diffrn.ambient_pressure       ? 
_diffrn.ambient_pressure_esd   ? 
_diffrn.ambient_pressure_gt    ? 
_diffrn.ambient_pressure_lt    ? 
_diffrn.ambient_temp_gt        ? 
_diffrn.ambient_temp_lt        ? 
# 
_diffrn_detector.details                      ? 
_diffrn_detector.detector                     PIXEL 
_diffrn_detector.diffrn_id                    1 
_diffrn_detector.type                         'DECTRIS PILATUS3 S 6M' 
_diffrn_detector.area_resol_mean              ? 
_diffrn_detector.dtime                        ? 
_diffrn_detector.pdbx_frames_total            ? 
_diffrn_detector.pdbx_collection_time_total   ? 
_diffrn_detector.pdbx_collection_date         2016-06-30 
# 
_diffrn_radiation.collimation                      ? 
_diffrn_radiation.diffrn_id                        1 
_diffrn_radiation.filter_edge                      ? 
_diffrn_radiation.inhomogeneity                    ? 
_diffrn_radiation.monochromator                    ? 
_diffrn_radiation.polarisn_norm                    ? 
_diffrn_radiation.polarisn_ratio                   ? 
_diffrn_radiation.probe                            ? 
_diffrn_radiation.type                             ? 
_diffrn_radiation.xray_symbol                      ? 
_diffrn_radiation.wavelength_id                    1 
_diffrn_radiation.pdbx_monochromatic_or_laue_m_l   M 
_diffrn_radiation.pdbx_wavelength_list             ? 
_diffrn_radiation.pdbx_wavelength                  ? 
_diffrn_radiation.pdbx_diffrn_protocol             'SINGLE WAVELENGTH' 
_diffrn_radiation.pdbx_analyzer                    ? 
_diffrn_radiation.pdbx_scattering_type             x-ray 
# 
_diffrn_radiation_wavelength.id           1 
_diffrn_radiation_wavelength.wavelength   0.979 
_diffrn_radiation_wavelength.wt           1.0 
# 
_diffrn_source.current                     ? 
_diffrn_source.details                     ? 
_diffrn_source.diffrn_id                   1 
_diffrn_source.power                       ? 
_diffrn_source.size                        ? 
_diffrn_source.source                      SYNCHROTRON 
_diffrn_source.target                      ? 
_diffrn_source.type                        'SSRF BEAMLINE BL19U1' 
_diffrn_source.voltage                     ? 
_diffrn_source.take-off_angle              ? 
_diffrn_source.pdbx_wavelength_list        0.979 
_diffrn_source.pdbx_wavelength             ? 
_diffrn_source.pdbx_synchrotron_beamline   BL19U1 
_diffrn_source.pdbx_synchrotron_site       SSRF 
# 
_reflns.B_iso_Wilson_estimate            ? 
_reflns.entry_id                         5WSQ 
_reflns.data_reduction_details           ? 
_reflns.data_reduction_method            ? 
_reflns.d_resolution_high                1.05 
_reflns.d_resolution_low                 30 
_reflns.details                          ? 
_reflns.limit_h_max                      ? 
_reflns.limit_h_min                      ? 
_reflns.limit_k_max                      ? 
_reflns.limit_k_min                      ? 
_reflns.limit_l_max                      ? 
_reflns.limit_l_min                      ? 
_reflns.number_all                       ? 
_reflns.number_obs                       19098 
_reflns.observed_criterion               ? 
_reflns.observed_criterion_F_max         ? 
_reflns.observed_criterion_F_min         ? 
_reflns.observed_criterion_I_max         ? 
_reflns.observed_criterion_I_min         ? 
_reflns.observed_criterion_sigma_F       ? 
_reflns.observed_criterion_sigma_I       ? 
_reflns.percent_possible_obs             98.1 
_reflns.R_free_details                   ? 
_reflns.Rmerge_F_all                     ? 
_reflns.Rmerge_F_obs                     ? 
_reflns.Friedel_coverage                 ? 
_reflns.number_gt                        ? 
_reflns.threshold_expression             ? 
_reflns.pdbx_redundancy                  2 
_reflns.pdbx_Rmerge_I_obs                ? 
_reflns.pdbx_Rmerge_I_all                ? 
_reflns.pdbx_Rsym_value                  0.12 
_reflns.pdbx_netI_over_av_sigmaI         ? 
_reflns.pdbx_netI_over_sigmaI            24 
_reflns.pdbx_res_netI_over_av_sigmaI_2   ? 
_reflns.pdbx_res_netI_over_sigmaI_2      ? 
_reflns.pdbx_chi_squared                 ? 
_reflns.pdbx_scaling_rejects             ? 
_reflns.pdbx_d_res_high_opt              ? 
_reflns.pdbx_d_res_low_opt               ? 
_reflns.pdbx_d_res_opt_method            ? 
_reflns.phase_calculation_details        ? 
_reflns.pdbx_Rrim_I_all                  ? 
_reflns.pdbx_Rpim_I_all                  ? 
_reflns.pdbx_d_opt                       ? 
_reflns.pdbx_number_measured_all         ? 
_reflns.pdbx_diffrn_id                   1 
_reflns.pdbx_ordinal                     1 
_reflns.pdbx_CC_half                     ? 
_reflns.pdbx_R_split                     ? 
# 
_reflns_shell.d_res_high                  1.05 
_reflns_shell.d_res_low                   1.09 
_reflns_shell.meanI_over_sigI_all         ? 
_reflns_shell.meanI_over_sigI_obs         ? 
_reflns_shell.number_measured_all         ? 
_reflns_shell.number_measured_obs         ? 
_reflns_shell.number_possible             ? 
_reflns_shell.number_unique_all           ? 
_reflns_shell.number_unique_obs           ? 
_reflns_shell.percent_possible_all        96.4 
_reflns_shell.percent_possible_obs        ? 
_reflns_shell.Rmerge_F_all                ? 
_reflns_shell.Rmerge_F_obs                ? 
_reflns_shell.Rmerge_I_all                ? 
_reflns_shell.Rmerge_I_obs                ? 
_reflns_shell.meanI_over_sigI_gt          ? 
_reflns_shell.meanI_over_uI_all           ? 
_reflns_shell.meanI_over_uI_gt            ? 
_reflns_shell.number_measured_gt          ? 
_reflns_shell.number_unique_gt            ? 
_reflns_shell.percent_possible_gt         ? 
_reflns_shell.Rmerge_F_gt                 ? 
_reflns_shell.Rmerge_I_gt                 ? 
_reflns_shell.pdbx_redundancy             1.9 
_reflns_shell.pdbx_Rsym_value             ? 
_reflns_shell.pdbx_chi_squared            ? 
_reflns_shell.pdbx_netI_over_sigmaI_all   ? 
_reflns_shell.pdbx_netI_over_sigmaI_obs   ? 
_reflns_shell.pdbx_Rrim_I_all             ? 
_reflns_shell.pdbx_Rpim_I_all             ? 
_reflns_shell.pdbx_rejects                ? 
_reflns_shell.pdbx_ordinal                1 
_reflns_shell.pdbx_diffrn_id              1 
_reflns_shell.pdbx_CC_half                0.653 
_reflns_shell.pdbx_R_split                ? 
# 
_refine.aniso_B[1][1]                            0.12 
_refine.aniso_B[1][2]                            -0.00 
_refine.aniso_B[1][3]                            0.00 
_refine.aniso_B[2][2]                            0.01 
_refine.aniso_B[2][3]                            -0.00 
_refine.aniso_B[3][3]                            -0.14 
_refine.B_iso_max                                ? 
_refine.B_iso_mean                               13.289 
_refine.B_iso_min                                ? 
_refine.correlation_coeff_Fo_to_Fc               0.968 
_refine.correlation_coeff_Fo_to_Fc_free          0.959 
_refine.details                                  'HYDROGENS HAVE BEEN ADDED IN THE RIDING POSITIONS' 
_refine.diff_density_max                         ? 
_refine.diff_density_max_esd                     ? 
_refine.diff_density_min                         ? 
_refine.diff_density_min_esd                     ? 
_refine.diff_density_rms                         ? 
_refine.diff_density_rms_esd                     ? 
_refine.entry_id                                 5WSQ 
_refine.pdbx_refine_id                           'X-RAY DIFFRACTION' 
_refine.ls_abs_structure_details                 ? 
_refine.ls_abs_structure_Flack                   ? 
_refine.ls_abs_structure_Flack_esd               ? 
_refine.ls_abs_structure_Rogers                  ? 
_refine.ls_abs_structure_Rogers_esd              ? 
_refine.ls_d_res_high                            1.05 
_refine.ls_d_res_low                             30 
_refine.ls_extinction_coef                       ? 
_refine.ls_extinction_coef_esd                   ? 
_refine.ls_extinction_expression                 ? 
_refine.ls_extinction_method                     ? 
_refine.ls_goodness_of_fit_all                   ? 
_refine.ls_goodness_of_fit_all_esd               ? 
_refine.ls_goodness_of_fit_obs                   ? 
_refine.ls_goodness_of_fit_obs_esd               ? 
_refine.ls_hydrogen_treatment                    ? 
_refine.ls_matrix_type                           ? 
_refine.ls_number_constraints                    ? 
_refine.ls_number_parameters                     ? 
_refine.ls_number_reflns_all                     ? 
_refine.ls_number_reflns_obs                     19098 
_refine.ls_number_reflns_R_free                  1023 
_refine.ls_number_reflns_R_work                  ? 
_refine.ls_number_restraints                     ? 
_refine.ls_percent_reflns_obs                    99.45 
_refine.ls_percent_reflns_R_free                 5.1 
_refine.ls_R_factor_all                          ? 
_refine.ls_R_factor_obs                          0.15620 
_refine.ls_R_factor_R_free                       0.17491 
_refine.ls_R_factor_R_free_error                 ? 
_refine.ls_R_factor_R_free_error_details         ? 
_refine.ls_R_factor_R_work                       0.15521 
_refine.ls_R_Fsqd_factor_obs                     ? 
_refine.ls_R_I_factor_obs                        ? 
_refine.ls_redundancy_reflns_all                 ? 
_refine.ls_redundancy_reflns_obs                 ? 
_refine.ls_restrained_S_all                      ? 
_refine.ls_restrained_S_obs                      ? 
_refine.ls_shift_over_esd_max                    ? 
_refine.ls_shift_over_esd_mean                   ? 
_refine.ls_structure_factor_coef                 ? 
_refine.ls_weighting_details                     ? 
_refine.ls_weighting_scheme                      ? 
_refine.ls_wR_factor_all                         ? 
_refine.ls_wR_factor_obs                         ? 
_refine.ls_wR_factor_R_free                      ? 
_refine.ls_wR_factor_R_work                      ? 
_refine.occupancy_max                            ? 
_refine.occupancy_min                            ? 
_refine.solvent_model_details                    ? 
_refine.solvent_model_param_bsol                 ? 
_refine.solvent_model_param_ksol                 ? 
_refine.ls_R_factor_gt                           ? 
_refine.ls_goodness_of_fit_gt                    ? 
_refine.ls_goodness_of_fit_ref                   ? 
_refine.ls_shift_over_su_max                     ? 
_refine.ls_shift_over_su_max_lt                  ? 
_refine.ls_shift_over_su_mean                    ? 
_refine.ls_shift_over_su_mean_lt                 ? 
_refine.pdbx_ls_sigma_I                          ? 
_refine.pdbx_ls_sigma_F                          ? 
_refine.pdbx_ls_sigma_Fsqd                       ? 
_refine.pdbx_data_cutoff_high_absF               ? 
_refine.pdbx_data_cutoff_high_rms_absF           ? 
_refine.pdbx_data_cutoff_low_absF                ? 
_refine.pdbx_isotropic_thermal_model             ? 
_refine.pdbx_ls_cross_valid_method               THROUGHOUT 
_refine.pdbx_method_to_determine_struct          SAD 
_refine.pdbx_starting_model                      ? 
_refine.pdbx_stereochemistry_target_values       ? 
_refine.pdbx_R_Free_selection_details            RANDOM 
_refine.pdbx_stereochem_target_val_spec_case     ? 
_refine.pdbx_overall_ESU_R                       0.026 
_refine.pdbx_overall_ESU_R_Free                  0.027 
_refine.pdbx_solvent_vdw_probe_radii             1.20 
_refine.pdbx_solvent_ion_probe_radii             0.80 
_refine.pdbx_solvent_shrinkage_radii             0.80 
_refine.pdbx_real_space_R                        ? 
_refine.pdbx_density_correlation                 ? 
_refine.pdbx_pd_number_of_powder_patterns        ? 
_refine.pdbx_pd_number_of_points                 ? 
_refine.pdbx_pd_meas_number_of_points            ? 
_refine.pdbx_pd_proc_ls_prof_R_factor            ? 
_refine.pdbx_pd_proc_ls_prof_wR_factor           ? 
_refine.pdbx_pd_Marquardt_correlation_coeff      ? 
_refine.pdbx_pd_Fsqrd_R_factor                   ? 
_refine.pdbx_pd_ls_matrix_band_width             ? 
_refine.pdbx_overall_phase_error                 ? 
_refine.pdbx_overall_SU_R_free_Cruickshank_DPI   ? 
_refine.pdbx_overall_SU_R_free_Blow_DPI          ? 
_refine.pdbx_overall_SU_R_Blow_DPI               ? 
_refine.pdbx_TLS_residual_ADP_flag               ? 
_refine.pdbx_diffrn_id                           1 
_refine.overall_SU_B                             ? 
_refine.overall_SU_ML                            ? 
_refine.overall_SU_R_Cruickshank_DPI             ? 
_refine.overall_SU_R_free                        ? 
_refine.overall_FOM_free_R_set                   ? 
_refine.overall_FOM_work_R_set                   ? 
_refine.pdbx_average_fsc_overall                 ? 
_refine.pdbx_average_fsc_work                    ? 
_refine.pdbx_average_fsc_free                    ? 
# 
_refine_hist.pdbx_refine_id                   'X-RAY DIFFRACTION' 
_refine_hist.cycle_id                         1 
_refine_hist.pdbx_number_atoms_protein        0 
_refine_hist.pdbx_number_atoms_nucleic_acid   318 
_refine_hist.pdbx_number_atoms_ligand         7 
_refine_hist.number_atoms_solvent             62 
_refine_hist.number_atoms_total               387 
_refine_hist.d_res_high                       1.05 
_refine_hist.d_res_low                        30 
# 
loop_
_refine_ls_restr.pdbx_refine_id 
_refine_ls_restr.criterion 
_refine_ls_restr.dev_ideal 
_refine_ls_restr.dev_ideal_target 
_refine_ls_restr.number 
_refine_ls_restr.rejects 
_refine_ls_restr.type 
_refine_ls_restr.weight 
_refine_ls_restr.pdbx_restraint_function 
'X-RAY DIFFRACTION' ? 0.009  0.011  358 ? r_bond_refined_d             ? ? 
'X-RAY DIFFRACTION' ? 0.001  0.020  184 ? r_bond_other_d               ? ? 
'X-RAY DIFFRACTION' ? 1.097  1.172  545 ? r_angle_refined_deg          ? ? 
'X-RAY DIFFRACTION' ? 2.062  3.000  432 ? r_angle_other_deg            ? ? 
'X-RAY DIFFRACTION' ? ?      ?      ?   ? r_dihedral_angle_1_deg       ? ? 
'X-RAY DIFFRACTION' ? ?      ?      ?   ? r_dihedral_angle_2_deg       ? ? 
'X-RAY DIFFRACTION' ? ?      ?      ?   ? r_dihedral_angle_3_deg       ? ? 
'X-RAY DIFFRACTION' ? ?      ?      ?   ? r_dihedral_angle_4_deg       ? ? 
'X-RAY DIFFRACTION' ? 0.071  0.200  48  ? r_chiral_restr               ? ? 
'X-RAY DIFFRACTION' ? 0.011  0.020  188 ? r_gen_planes_refined         ? ? 
'X-RAY DIFFRACTION' ? 0.013  0.020  84  ? r_gen_planes_other           ? ? 
'X-RAY DIFFRACTION' ? ?      ?      ?   ? r_nbd_refined                ? ? 
'X-RAY DIFFRACTION' ? ?      ?      ?   ? r_nbd_other                  ? ? 
'X-RAY DIFFRACTION' ? ?      ?      ?   ? r_nbtor_refined              ? ? 
'X-RAY DIFFRACTION' ? ?      ?      ?   ? r_nbtor_other                ? ? 
'X-RAY DIFFRACTION' ? ?      ?      ?   ? r_xyhbond_nbd_refined        ? ? 
'X-RAY DIFFRACTION' ? ?      ?      ?   ? r_xyhbond_nbd_other          ? ? 
'X-RAY DIFFRACTION' ? ?      ?      ?   ? r_metal_ion_refined          ? ? 
'X-RAY DIFFRACTION' ? ?      ?      ?   ? r_metal_ion_other            ? ? 
'X-RAY DIFFRACTION' ? ?      ?      ?   ? r_symmetry_vdw_refined       ? ? 
'X-RAY DIFFRACTION' ? ?      ?      ?   ? r_symmetry_vdw_other         ? ? 
'X-RAY DIFFRACTION' ? ?      ?      ?   ? r_symmetry_hbond_refined     ? ? 
'X-RAY DIFFRACTION' ? ?      ?      ?   ? r_symmetry_hbond_other       ? ? 
'X-RAY DIFFRACTION' ? ?      ?      ?   ? r_symmetry_metal_ion_refined ? ? 
'X-RAY DIFFRACTION' ? ?      ?      ?   ? r_symmetry_metal_ion_other   ? ? 
'X-RAY DIFFRACTION' ? ?      ?      ?   ? r_mcbond_it                  ? ? 
'X-RAY DIFFRACTION' ? ?      ?      ?   ? r_mcbond_other               ? ? 
'X-RAY DIFFRACTION' ? ?      ?      ?   ? r_mcangle_it                 ? ? 
'X-RAY DIFFRACTION' ? ?      ?      ?   ? r_mcangle_other              ? ? 
'X-RAY DIFFRACTION' ? 0.667  1.280  357 ? r_scbond_it                  ? ? 
'X-RAY DIFFRACTION' ? 0.664  1.279  356 ? r_scbond_other               ? ? 
'X-RAY DIFFRACTION' ? ?      ?      ?   ? r_scangle_it                 ? ? 
'X-RAY DIFFRACTION' ? 0.891  1.930  546 ? r_scangle_other              ? ? 
'X-RAY DIFFRACTION' ? 1.237  13.242 534 ? r_long_range_B_refined       ? ? 
'X-RAY DIFFRACTION' ? 1.236  13.244 535 ? r_long_range_B_other         ? ? 
'X-RAY DIFFRACTION' ? 2.566  3.000  541 ? r_rigid_bond_restr           ? ? 
'X-RAY DIFFRACTION' ? 13.120 5.000  12  ? r_sphericity_free            ? ? 
'X-RAY DIFFRACTION' ? 4.240  5.000  559 ? r_sphericity_bonded          ? ? 
# 
_refine_ls_shell.pdbx_refine_id                   'X-RAY DIFFRACTION' 
_refine_ls_shell.d_res_high                       1.051 
_refine_ls_shell.d_res_low                        1.078 
_refine_ls_shell.number_reflns_all                ? 
_refine_ls_shell.number_reflns_obs                ? 
_refine_ls_shell.number_reflns_R_free             73 
_refine_ls_shell.number_reflns_R_work             1398 
_refine_ls_shell.percent_reflns_obs               99.26 
_refine_ls_shell.percent_reflns_R_free            ? 
_refine_ls_shell.R_factor_all                     ? 
_refine_ls_shell.R_factor_obs                     ? 
_refine_ls_shell.R_factor_R_free                  0.266 
_refine_ls_shell.R_factor_R_free_error            ? 
_refine_ls_shell.R_factor_R_work                  0.271 
_refine_ls_shell.redundancy_reflns_all            ? 
_refine_ls_shell.redundancy_reflns_obs            ? 
_refine_ls_shell.wR_factor_all                    ? 
_refine_ls_shell.wR_factor_obs                    ? 
_refine_ls_shell.wR_factor_R_free                 ? 
_refine_ls_shell.wR_factor_R_work                 ? 
_refine_ls_shell.pdbx_total_number_of_bins_used   20 
_refine_ls_shell.pdbx_phase_error                 ? 
_refine_ls_shell.pdbx_fsc_work                    ? 
_refine_ls_shell.pdbx_fsc_free                    ? 
# 
_struct.entry_id                     5WSQ 
_struct.title                        'Crystal structure of C-Hg-T pair containing DNA duplex' 
_struct.pdbx_model_details           ? 
_struct.pdbx_formula_weight          ? 
_struct.pdbx_formula_weight_method   ? 
_struct.pdbx_model_type_details      ? 
_struct.pdbx_CASP_flag               N 
# 
_struct_keywords.entry_id        5WSQ 
_struct_keywords.text            'DNA duplex, C-Hg-T pair, DNA' 
_struct_keywords.pdbx_keywords   DNA 
# 
loop_
_struct_asym.id 
_struct_asym.pdbx_blank_PDB_chainid_flag 
_struct_asym.pdbx_modified 
_struct_asym.entity_id 
_struct_asym.details 
A N N 1 ? 
B N N 1 ? 
C N N 2 ? 
D N N 2 ? 
E N N 3 ? 
F N N 4 ? 
G N N 4 ? 
# 
_struct_ref.id                         1 
_struct_ref.db_name                    PDB 
_struct_ref.db_code                    5WSQ 
_struct_ref.pdbx_db_accession          5WSQ 
_struct_ref.pdbx_db_isoform            ? 
_struct_ref.entity_id                  1 
_struct_ref.pdbx_seq_one_letter_code   ? 
_struct_ref.pdbx_align_begin           1 
# 
loop_
_struct_ref_seq.align_id 
_struct_ref_seq.ref_id 
_struct_ref_seq.pdbx_PDB_id_code 
_struct_ref_seq.pdbx_strand_id 
_struct_ref_seq.seq_align_beg 
_struct_ref_seq.pdbx_seq_align_beg_ins_code 
_struct_ref_seq.seq_align_end 
_struct_ref_seq.pdbx_seq_align_end_ins_code 
_struct_ref_seq.pdbx_db_accession 
_struct_ref_seq.db_align_beg 
_struct_ref_seq.pdbx_db_align_beg_ins_code 
_struct_ref_seq.db_align_end 
_struct_ref_seq.pdbx_db_align_end_ins_code 
_struct_ref_seq.pdbx_auth_seq_align_beg 
_struct_ref_seq.pdbx_auth_seq_align_end 
1 1 5WSQ A 1 ? 8 ? 5WSQ 1 ? 8 ? 1 8 
2 1 5WSQ B 1 ? 8 ? 5WSQ 1 ? 8 ? 1 8 
# 
_pdbx_struct_assembly.id                   1 
_pdbx_struct_assembly.details              author_and_software_defined_assembly 
_pdbx_struct_assembly.method_details       PISA 
_pdbx_struct_assembly.oligomeric_details   dimeric 
_pdbx_struct_assembly.oligomeric_count     2 
# 
loop_
_pdbx_struct_assembly_prop.biol_id 
_pdbx_struct_assembly_prop.type 
_pdbx_struct_assembly_prop.value 
_pdbx_struct_assembly_prop.details 
1 'ABSA (A^2)' 1420 ? 
1 MORE         -61  ? 
1 'SSA (A^2)'  2840 ? 
# 
_pdbx_struct_assembly_gen.assembly_id       1 
_pdbx_struct_assembly_gen.oper_expression   1 
_pdbx_struct_assembly_gen.asym_id_list      A,B,C,D,E,F,G 
# 
_pdbx_struct_oper_list.id                   1 
_pdbx_struct_oper_list.type                 'identity operation' 
_pdbx_struct_oper_list.name                 1_555 
_pdbx_struct_oper_list.symmetry_operation   x,y,z 
_pdbx_struct_oper_list.matrix[1][1]         1.0000000000 
_pdbx_struct_oper_list.matrix[1][2]         0.0000000000 
_pdbx_struct_oper_list.matrix[1][3]         0.0000000000 
_pdbx_struct_oper_list.vector[1]            0.0000000000 
_pdbx_struct_oper_list.matrix[2][1]         0.0000000000 
_pdbx_struct_oper_list.matrix[2][2]         1.0000000000 
_pdbx_struct_oper_list.matrix[2][3]         0.0000000000 
_pdbx_struct_oper_list.vector[2]            0.0000000000 
_pdbx_struct_oper_list.matrix[3][1]         0.0000000000 
_pdbx_struct_oper_list.matrix[3][2]         0.0000000000 
_pdbx_struct_oper_list.matrix[3][3]         1.0000000000 
_pdbx_struct_oper_list.vector[3]            0.0000000000 
# 
loop_
_struct_conn.id 
_struct_conn.conn_type_id 
_struct_conn.pdbx_leaving_atom_flag 
_struct_conn.pdbx_PDB_id 
_struct_conn.ptnr1_label_asym_id 
_struct_conn.ptnr1_label_comp_id 
_struct_conn.ptnr1_label_seq_id 
_struct_conn.ptnr1_label_atom_id 
_struct_conn.pdbx_ptnr1_label_alt_id 
_struct_conn.pdbx_ptnr1_PDB_ins_code 
_struct_conn.pdbx_ptnr1_standard_comp_id 
_struct_conn.ptnr1_symmetry 
_struct_conn.ptnr2_label_asym_id 
_struct_conn.ptnr2_label_comp_id 
_struct_conn.ptnr2_label_seq_id 
_struct_conn.ptnr2_label_atom_id 
_struct_conn.pdbx_ptnr2_label_alt_id 
_struct_conn.pdbx_ptnr2_PDB_ins_code 
_struct_conn.ptnr1_auth_asym_id 
_struct_conn.ptnr1_auth_comp_id 
_struct_conn.ptnr1_auth_seq_id 
_struct_conn.ptnr2_auth_asym_id 
_struct_conn.ptnr2_auth_comp_id 
_struct_conn.ptnr2_auth_seq_id 
_struct_conn.ptnr2_symmetry 
_struct_conn.pdbx_ptnr3_label_atom_id 
_struct_conn.pdbx_ptnr3_label_seq_id 
_struct_conn.pdbx_ptnr3_label_comp_id 
_struct_conn.pdbx_ptnr3_label_asym_id 
_struct_conn.pdbx_ptnr3_label_alt_id 
_struct_conn.pdbx_ptnr3_PDB_ins_code 
_struct_conn.details 
_struct_conn.pdbx_dist_value 
_struct_conn.pdbx_value_order 
_struct_conn.pdbx_role 
metalc1  metalc ? ? A DC 3 N4 ? ? ? 1_555 D HG . HG ? ? A DC 3   B HG 101 1_555 ? ? ? ? ? ? ?            2.137 ? ? 
metalc2  metalc ? ? A DT 6 N3 ? ? ? 1_555 C HG . HG ? ? A DT 6   A HG 101 1_555 ? ? ? ? ? ? ?            2.106 ? ? 
metalc3  metalc ? ? C HG . HG ? ? ? 1_555 B DC 3 N4 ? ? A HG 101 B DC 3   1_555 ? ? ? ? ? ? ?            2.155 ? ? 
metalc4  metalc ? ? B DT 6 N3 ? ? ? 1_555 D HG . HG ? ? B DT 6   B HG 101 1_555 ? ? ? ? ? ? ?            2.111 ? ? 
hydrog1  hydrog ? ? A DG 1 N1 ? ? ? 1_555 B DC 8 N3 ? ? A DG 1   B DC 8   1_555 ? ? ? ? ? ? WATSON-CRICK ?     ? ? 
hydrog2  hydrog ? ? A DG 1 N2 ? ? ? 1_555 B DC 8 O2 ? ? A DG 1   B DC 8   1_555 ? ? ? ? ? ? WATSON-CRICK ?     ? ? 
hydrog3  hydrog ? ? A DG 1 O6 ? ? ? 1_555 B DC 8 N4 ? ? A DG 1   B DC 8   1_555 ? ? ? ? ? ? WATSON-CRICK ?     ? ? 
hydrog4  hydrog ? ? A DC 2 N3 ? ? ? 1_555 B DG 7 N1 ? ? A DC 2   B DG 7   1_555 ? ? ? ? ? ? WATSON-CRICK ?     ? ? 
hydrog5  hydrog ? ? A DC 2 N4 ? ? ? 1_555 B DG 7 O6 ? ? A DC 2   B DG 7   1_555 ? ? ? ? ? ? WATSON-CRICK ?     ? ? 
hydrog6  hydrog ? ? A DC 2 O2 ? ? ? 1_555 B DG 7 N2 ? ? A DC 2   B DG 7   1_555 ? ? ? ? ? ? WATSON-CRICK ?     ? ? 
hydrog7  hydrog ? ? A DC 4 N3 ? ? ? 1_555 B DG 5 N1 ? ? A DC 4   B DG 5   1_555 ? ? ? ? ? ? WATSON-CRICK ?     ? ? 
hydrog8  hydrog ? ? A DC 4 N4 ? ? ? 1_555 B DG 5 O6 ? ? A DC 4   B DG 5   1_555 ? ? ? ? ? ? WATSON-CRICK ?     ? ? 
hydrog9  hydrog ? ? A DC 4 O2 ? ? ? 1_555 B DG 5 N2 ? ? A DC 4   B DG 5   1_555 ? ? ? ? ? ? WATSON-CRICK ?     ? ? 
hydrog10 hydrog ? ? A DG 5 N1 ? ? ? 1_555 B DC 4 N3 ? ? A DG 5   B DC 4   1_555 ? ? ? ? ? ? WATSON-CRICK ?     ? ? 
hydrog11 hydrog ? ? A DG 5 N2 ? ? ? 1_555 B DC 4 O2 ? ? A DG 5   B DC 4   1_555 ? ? ? ? ? ? WATSON-CRICK ?     ? ? 
hydrog12 hydrog ? ? A DG 5 O6 ? ? ? 1_555 B DC 4 N4 ? ? A DG 5   B DC 4   1_555 ? ? ? ? ? ? WATSON-CRICK ?     ? ? 
hydrog13 hydrog ? ? A DG 7 N1 ? ? ? 1_555 B DC 2 N3 ? ? A DG 7   B DC 2   1_555 ? ? ? ? ? ? WATSON-CRICK ?     ? ? 
hydrog14 hydrog ? ? A DG 7 N2 ? ? ? 1_555 B DC 2 O2 ? ? A DG 7   B DC 2   1_555 ? ? ? ? ? ? WATSON-CRICK ?     ? ? 
hydrog15 hydrog ? ? A DG 7 O6 ? ? ? 1_555 B DC 2 N4 ? ? A DG 7   B DC 2   1_555 ? ? ? ? ? ? WATSON-CRICK ?     ? ? 
hydrog16 hydrog ? ? A DC 8 N3 ? ? ? 1_555 B DG 1 N1 ? ? A DC 8   B DG 1   1_555 ? ? ? ? ? ? WATSON-CRICK ?     ? ? 
hydrog17 hydrog ? ? A DC 8 N4 ? ? ? 1_555 B DG 1 O6 ? ? A DC 8   B DG 1   1_555 ? ? ? ? ? ? WATSON-CRICK ?     ? ? 
hydrog18 hydrog ? ? A DC 8 O2 ? ? ? 1_555 B DG 1 N2 ? ? A DC 8   B DG 1   1_555 ? ? ? ? ? ? WATSON-CRICK ?     ? ? 
# 
loop_
_struct_conn_type.id 
_struct_conn_type.criteria 
_struct_conn_type.reference 
metalc ? ? 
hydrog ? ? 
# 
loop_
_pdbx_struct_conn_angle.id 
_pdbx_struct_conn_angle.ptnr1_label_atom_id 
_pdbx_struct_conn_angle.ptnr1_label_alt_id 
_pdbx_struct_conn_angle.ptnr1_label_asym_id 
_pdbx_struct_conn_angle.ptnr1_label_comp_id 
_pdbx_struct_conn_angle.ptnr1_label_seq_id 
_pdbx_struct_conn_angle.ptnr1_auth_atom_id 
_pdbx_struct_conn_angle.ptnr1_auth_asym_id 
_pdbx_struct_conn_angle.ptnr1_auth_comp_id 
_pdbx_struct_conn_angle.ptnr1_auth_seq_id 
_pdbx_struct_conn_angle.ptnr1_PDB_ins_code 
_pdbx_struct_conn_angle.ptnr1_symmetry 
_pdbx_struct_conn_angle.ptnr2_label_atom_id 
_pdbx_struct_conn_angle.ptnr2_label_alt_id 
_pdbx_struct_conn_angle.ptnr2_label_asym_id 
_pdbx_struct_conn_angle.ptnr2_label_comp_id 
_pdbx_struct_conn_angle.ptnr2_label_seq_id 
_pdbx_struct_conn_angle.ptnr2_auth_atom_id 
_pdbx_struct_conn_angle.ptnr2_auth_asym_id 
_pdbx_struct_conn_angle.ptnr2_auth_comp_id 
_pdbx_struct_conn_angle.ptnr2_auth_seq_id 
_pdbx_struct_conn_angle.ptnr2_PDB_ins_code 
_pdbx_struct_conn_angle.ptnr2_symmetry 
_pdbx_struct_conn_angle.ptnr3_label_atom_id 
_pdbx_struct_conn_angle.ptnr3_label_alt_id 
_pdbx_struct_conn_angle.ptnr3_label_asym_id 
_pdbx_struct_conn_angle.ptnr3_label_comp_id 
_pdbx_struct_conn_angle.ptnr3_label_seq_id 
_pdbx_struct_conn_angle.ptnr3_auth_atom_id 
_pdbx_struct_conn_angle.ptnr3_auth_asym_id 
_pdbx_struct_conn_angle.ptnr3_auth_comp_id 
_pdbx_struct_conn_angle.ptnr3_auth_seq_id 
_pdbx_struct_conn_angle.ptnr3_PDB_ins_code 
_pdbx_struct_conn_angle.ptnr3_symmetry 
_pdbx_struct_conn_angle.value 
_pdbx_struct_conn_angle.value_esd 
1 N4 ? A DC 3 ? A DC 3 ? 1_555 HG ? D HG . ? B HG 101 ? 1_555 N3 ? B DT 6 ? B DT 6 ? 1_555 175.9 ? 
2 N3 ? A DT 6 ? A DT 6 ? 1_555 HG ? C HG . ? A HG 101 ? 1_555 N4 ? B DC 3 ? B DC 3 ? 1_555 177.8 ? 
# 
loop_
_struct_site.id 
_struct_site.pdbx_evidence_code 
_struct_site.pdbx_auth_asym_id 
_struct_site.pdbx_auth_comp_id 
_struct_site.pdbx_auth_seq_id 
_struct_site.pdbx_auth_ins_code 
_struct_site.pdbx_num_residues 
_struct_site.details 
AC1 Software A HG  101 ? 4 'binding site for residue HG A 101'  
AC2 Software B HG  101 ? 4 'binding site for residue HG B 101'  
AC3 Software B PDO 102 ? 7 'binding site for residue PDO B 102' 
# 
loop_
_struct_site_gen.id 
_struct_site_gen.site_id 
_struct_site_gen.pdbx_num_res 
_struct_site_gen.label_comp_id 
_struct_site_gen.label_asym_id 
_struct_site_gen.label_seq_id 
_struct_site_gen.pdbx_auth_ins_code 
_struct_site_gen.auth_comp_id 
_struct_site_gen.auth_asym_id 
_struct_site_gen.auth_seq_id 
_struct_site_gen.label_atom_id 
_struct_site_gen.label_alt_id 
_struct_site_gen.symmetry 
_struct_site_gen.details 
1  AC1 4 DG  A 5 ? DG  A 5   . ? 1_555 ? 
2  AC1 4 DT  A 6 ? DT  A 6   . ? 1_555 ? 
3  AC1 4 DG  A 7 ? DG  A 7   . ? 1_555 ? 
4  AC1 4 DC  B 3 ? DC  B 3   . ? 1_555 ? 
5  AC2 4 DC  A 3 ? DC  A 3   . ? 1_555 ? 
6  AC2 4 DG  B 5 ? DG  B 5   . ? 1_555 ? 
7  AC2 4 DT  B 6 ? DT  B 6   . ? 1_555 ? 
8  AC2 4 DG  B 7 ? DG  B 7   . ? 1_555 ? 
9  AC3 7 DC  A 3 ? DC  A 3   . ? 1_554 ? 
10 AC3 7 DC  A 4 ? DC  A 4   . ? 1_554 ? 
11 AC3 7 HOH F . ? HOH A 229 . ? 1_554 ? 
12 AC3 7 DC  B 4 ? DC  B 4   . ? 1_555 ? 
13 AC3 7 DT  B 6 ? DT  B 6   . ? 1_554 ? 
14 AC3 7 DG  B 7 ? DG  B 7   . ? 1_554 ? 
15 AC3 7 HOH G . ? HOH B 201 . ? 1_555 ? 
# 
_pdbx_distant_solvent_atoms.id                                1 
_pdbx_distant_solvent_atoms.PDB_model_num                     1 
_pdbx_distant_solvent_atoms.auth_atom_id                      O 
_pdbx_distant_solvent_atoms.label_alt_id                      ? 
_pdbx_distant_solvent_atoms.auth_asym_id                      A 
_pdbx_distant_solvent_atoms.auth_comp_id                      HOH 
_pdbx_distant_solvent_atoms.auth_seq_id                       236 
_pdbx_distant_solvent_atoms.PDB_ins_code                      ? 
_pdbx_distant_solvent_atoms.neighbor_macromolecule_distance   6.84 
_pdbx_distant_solvent_atoms.neighbor_ligand_distance          . 
# 
loop_
_chem_comp_atom.comp_id 
_chem_comp_atom.atom_id 
_chem_comp_atom.type_symbol 
_chem_comp_atom.pdbx_aromatic_flag 
_chem_comp_atom.pdbx_stereo_config 
_chem_comp_atom.pdbx_ordinal 
DC  OP3    O  N N 1   
DC  P      P  N N 2   
DC  OP1    O  N N 3   
DC  OP2    O  N N 4   
DC  "O5'"  O  N N 5   
DC  "C5'"  C  N N 6   
DC  "C4'"  C  N R 7   
DC  "O4'"  O  N N 8   
DC  "C3'"  C  N S 9   
DC  "O3'"  O  N N 10  
DC  "C2'"  C  N N 11  
DC  "C1'"  C  N R 12  
DC  N1     N  N N 13  
DC  C2     C  N N 14  
DC  O2     O  N N 15  
DC  N3     N  N N 16  
DC  C4     C  N N 17  
DC  N4     N  N N 18  
DC  C5     C  N N 19  
DC  C6     C  N N 20  
DC  HOP3   H  N N 21  
DC  HOP2   H  N N 22  
DC  "H5'"  H  N N 23  
DC  "H5''" H  N N 24  
DC  "H4'"  H  N N 25  
DC  "H3'"  H  N N 26  
DC  "HO3'" H  N N 27  
DC  "H2'"  H  N N 28  
DC  "H2''" H  N N 29  
DC  "H1'"  H  N N 30  
DC  H41    H  N N 31  
DC  H42    H  N N 32  
DC  H5     H  N N 33  
DC  H6     H  N N 34  
DG  OP3    O  N N 35  
DG  P      P  N N 36  
DG  OP1    O  N N 37  
DG  OP2    O  N N 38  
DG  "O5'"  O  N N 39  
DG  "C5'"  C  N N 40  
DG  "C4'"  C  N R 41  
DG  "O4'"  O  N N 42  
DG  "C3'"  C  N S 43  
DG  "O3'"  O  N N 44  
DG  "C2'"  C  N N 45  
DG  "C1'"  C  N R 46  
DG  N9     N  Y N 47  
DG  C8     C  Y N 48  
DG  N7     N  Y N 49  
DG  C5     C  Y N 50  
DG  C6     C  N N 51  
DG  O6     O  N N 52  
DG  N1     N  N N 53  
DG  C2     C  N N 54  
DG  N2     N  N N 55  
DG  N3     N  N N 56  
DG  C4     C  Y N 57  
DG  HOP3   H  N N 58  
DG  HOP2   H  N N 59  
DG  "H5'"  H  N N 60  
DG  "H5''" H  N N 61  
DG  "H4'"  H  N N 62  
DG  "H3'"  H  N N 63  
DG  "HO3'" H  N N 64  
DG  "H2'"  H  N N 65  
DG  "H2''" H  N N 66  
DG  "H1'"  H  N N 67  
DG  H8     H  N N 68  
DG  H1     H  N N 69  
DG  H21    H  N N 70  
DG  H22    H  N N 71  
DT  OP3    O  N N 72  
DT  P      P  N N 73  
DT  OP1    O  N N 74  
DT  OP2    O  N N 75  
DT  "O5'"  O  N N 76  
DT  "C5'"  C  N N 77  
DT  "C4'"  C  N R 78  
DT  "O4'"  O  N N 79  
DT  "C3'"  C  N S 80  
DT  "O3'"  O  N N 81  
DT  "C2'"  C  N N 82  
DT  "C1'"  C  N R 83  
DT  N1     N  N N 84  
DT  C2     C  N N 85  
DT  O2     O  N N 86  
DT  N3     N  N N 87  
DT  C4     C  N N 88  
DT  O4     O  N N 89  
DT  C5     C  N N 90  
DT  C7     C  N N 91  
DT  C6     C  N N 92  
DT  HOP3   H  N N 93  
DT  HOP2   H  N N 94  
DT  "H5'"  H  N N 95  
DT  "H5''" H  N N 96  
DT  "H4'"  H  N N 97  
DT  "H3'"  H  N N 98  
DT  "HO3'" H  N N 99  
DT  "H2'"  H  N N 100 
DT  "H2''" H  N N 101 
DT  "H1'"  H  N N 102 
DT  H3     H  N N 103 
DT  H71    H  N N 104 
DT  H72    H  N N 105 
DT  H73    H  N N 106 
DT  H6     H  N N 107 
HG  HG     HG N N 108 
HOH O      O  N N 109 
HOH H1     H  N N 110 
HOH H2     H  N N 111 
PDO C1     C  N N 112 
PDO O1     O  N N 113 
PDO C2     C  N N 114 
PDO C3     C  N N 115 
PDO O3     O  N N 116 
PDO H11    H  N N 117 
PDO H12    H  N N 118 
PDO HO1    H  N N 119 
PDO H21    H  N N 120 
PDO H22    H  N N 121 
PDO H31    H  N N 122 
PDO H32    H  N N 123 
PDO HO3    H  N N 124 
# 
loop_
_chem_comp_bond.comp_id 
_chem_comp_bond.atom_id_1 
_chem_comp_bond.atom_id_2 
_chem_comp_bond.value_order 
_chem_comp_bond.pdbx_aromatic_flag 
_chem_comp_bond.pdbx_stereo_config 
_chem_comp_bond.pdbx_ordinal 
DC  OP3   P      sing N N 1   
DC  OP3   HOP3   sing N N 2   
DC  P     OP1    doub N N 3   
DC  P     OP2    sing N N 4   
DC  P     "O5'"  sing N N 5   
DC  OP2   HOP2   sing N N 6   
DC  "O5'" "C5'"  sing N N 7   
DC  "C5'" "C4'"  sing N N 8   
DC  "C5'" "H5'"  sing N N 9   
DC  "C5'" "H5''" sing N N 10  
DC  "C4'" "O4'"  sing N N 11  
DC  "C4'" "C3'"  sing N N 12  
DC  "C4'" "H4'"  sing N N 13  
DC  "O4'" "C1'"  sing N N 14  
DC  "C3'" "O3'"  sing N N 15  
DC  "C3'" "C2'"  sing N N 16  
DC  "C3'" "H3'"  sing N N 17  
DC  "O3'" "HO3'" sing N N 18  
DC  "C2'" "C1'"  sing N N 19  
DC  "C2'" "H2'"  sing N N 20  
DC  "C2'" "H2''" sing N N 21  
DC  "C1'" N1     sing N N 22  
DC  "C1'" "H1'"  sing N N 23  
DC  N1    C2     sing N N 24  
DC  N1    C6     sing N N 25  
DC  C2    O2     doub N N 26  
DC  C2    N3     sing N N 27  
DC  N3    C4     doub N N 28  
DC  C4    N4     sing N N 29  
DC  C4    C5     sing N N 30  
DC  N4    H41    sing N N 31  
DC  N4    H42    sing N N 32  
DC  C5    C6     doub N N 33  
DC  C5    H5     sing N N 34  
DC  C6    H6     sing N N 35  
DG  OP3   P      sing N N 36  
DG  OP3   HOP3   sing N N 37  
DG  P     OP1    doub N N 38  
DG  P     OP2    sing N N 39  
DG  P     "O5'"  sing N N 40  
DG  OP2   HOP2   sing N N 41  
DG  "O5'" "C5'"  sing N N 42  
DG  "C5'" "C4'"  sing N N 43  
DG  "C5'" "H5'"  sing N N 44  
DG  "C5'" "H5''" sing N N 45  
DG  "C4'" "O4'"  sing N N 46  
DG  "C4'" "C3'"  sing N N 47  
DG  "C4'" "H4'"  sing N N 48  
DG  "O4'" "C1'"  sing N N 49  
DG  "C3'" "O3'"  sing N N 50  
DG  "C3'" "C2'"  sing N N 51  
DG  "C3'" "H3'"  sing N N 52  
DG  "O3'" "HO3'" sing N N 53  
DG  "C2'" "C1'"  sing N N 54  
DG  "C2'" "H2'"  sing N N 55  
DG  "C2'" "H2''" sing N N 56  
DG  "C1'" N9     sing N N 57  
DG  "C1'" "H1'"  sing N N 58  
DG  N9    C8     sing Y N 59  
DG  N9    C4     sing Y N 60  
DG  C8    N7     doub Y N 61  
DG  C8    H8     sing N N 62  
DG  N7    C5     sing Y N 63  
DG  C5    C6     sing N N 64  
DG  C5    C4     doub Y N 65  
DG  C6    O6     doub N N 66  
DG  C6    N1     sing N N 67  
DG  N1    C2     sing N N 68  
DG  N1    H1     sing N N 69  
DG  C2    N2     sing N N 70  
DG  C2    N3     doub N N 71  
DG  N2    H21    sing N N 72  
DG  N2    H22    sing N N 73  
DG  N3    C4     sing N N 74  
DT  OP3   P      sing N N 75  
DT  OP3   HOP3   sing N N 76  
DT  P     OP1    doub N N 77  
DT  P     OP2    sing N N 78  
DT  P     "O5'"  sing N N 79  
DT  OP2   HOP2   sing N N 80  
DT  "O5'" "C5'"  sing N N 81  
DT  "C5'" "C4'"  sing N N 82  
DT  "C5'" "H5'"  sing N N 83  
DT  "C5'" "H5''" sing N N 84  
DT  "C4'" "O4'"  sing N N 85  
DT  "C4'" "C3'"  sing N N 86  
DT  "C4'" "H4'"  sing N N 87  
DT  "O4'" "C1'"  sing N N 88  
DT  "C3'" "O3'"  sing N N 89  
DT  "C3'" "C2'"  sing N N 90  
DT  "C3'" "H3'"  sing N N 91  
DT  "O3'" "HO3'" sing N N 92  
DT  "C2'" "C1'"  sing N N 93  
DT  "C2'" "H2'"  sing N N 94  
DT  "C2'" "H2''" sing N N 95  
DT  "C1'" N1     sing N N 96  
DT  "C1'" "H1'"  sing N N 97  
DT  N1    C2     sing N N 98  
DT  N1    C6     sing N N 99  
DT  C2    O2     doub N N 100 
DT  C2    N3     sing N N 101 
DT  N3    C4     sing N N 102 
DT  N3    H3     sing N N 103 
DT  C4    O4     doub N N 104 
DT  C4    C5     sing N N 105 
DT  C5    C7     sing N N 106 
DT  C5    C6     doub N N 107 
DT  C7    H71    sing N N 108 
DT  C7    H72    sing N N 109 
DT  C7    H73    sing N N 110 
DT  C6    H6     sing N N 111 
HOH O     H1     sing N N 112 
HOH O     H2     sing N N 113 
PDO C1    O1     sing N N 114 
PDO C1    C2     sing N N 115 
PDO C1    H11    sing N N 116 
PDO C1    H12    sing N N 117 
PDO O1    HO1    sing N N 118 
PDO C2    C3     sing N N 119 
PDO C2    H21    sing N N 120 
PDO C2    H22    sing N N 121 
PDO C3    O3     sing N N 122 
PDO C3    H31    sing N N 123 
PDO C3    H32    sing N N 124 
PDO O3    HO3    sing N N 125 
# 
_ndb_struct_conf_na.entry_id   5WSQ 
_ndb_struct_conf_na.feature    'double helix' 
# 
loop_
_ndb_struct_na_base_pair.model_number 
_ndb_struct_na_base_pair.i_label_asym_id 
_ndb_struct_na_base_pair.i_label_comp_id 
_ndb_struct_na_base_pair.i_label_seq_id 
_ndb_struct_na_base_pair.i_symmetry 
_ndb_struct_na_base_pair.j_label_asym_id 
_ndb_struct_na_base_pair.j_label_comp_id 
_ndb_struct_na_base_pair.j_label_seq_id 
_ndb_struct_na_base_pair.j_symmetry 
_ndb_struct_na_base_pair.shear 
_ndb_struct_na_base_pair.stretch 
_ndb_struct_na_base_pair.stagger 
_ndb_struct_na_base_pair.buckle 
_ndb_struct_na_base_pair.propeller 
_ndb_struct_na_base_pair.opening 
_ndb_struct_na_base_pair.pair_number 
_ndb_struct_na_base_pair.pair_name 
_ndb_struct_na_base_pair.i_auth_asym_id 
_ndb_struct_na_base_pair.i_auth_seq_id 
_ndb_struct_na_base_pair.i_PDB_ins_code 
_ndb_struct_na_base_pair.j_auth_asym_id 
_ndb_struct_na_base_pair.j_auth_seq_id 
_ndb_struct_na_base_pair.j_PDB_ins_code 
_ndb_struct_na_base_pair.hbond_type_28 
_ndb_struct_na_base_pair.hbond_type_12 
1 A DG 1 1_555 B DC 8 1_555 -0.308 -0.142 0.230  -5.837 -10.447 -2.083 1 A_DG1:DC8_B A 1 ? B 8 ? 19 1 
1 A DC 2 1_555 B DG 7 1_555 0.170  -0.051 -0.142 -3.921 -0.413  -1.023 2 A_DC2:DG7_B A 2 ? B 7 ? 19 1 
1 A DC 4 1_555 B DG 5 1_555 0.195  -0.090 -0.030 10.199 -21.052 2.000  3 A_DC4:DG5_B A 4 ? B 5 ? 19 1 
1 A DG 5 1_555 B DC 4 1_555 -0.315 -0.149 -0.058 -5.659 -18.589 1.507  4 A_DG5:DC4_B A 5 ? B 4 ? 19 1 
1 A DG 7 1_555 B DC 2 1_555 -0.253 -0.129 0.025  7.663  -3.197  0.807  5 A_DG7:DC2_B A 7 ? B 2 ? 19 1 
1 A DC 8 1_555 B DG 1 1_555 0.249  -0.137 -0.139 7.906  -6.297  -3.826 6 A_DC8:DG1_B A 8 ? B 1 ? 19 1 
# 
loop_
_ndb_struct_na_base_pair_step.model_number 
_ndb_struct_na_base_pair_step.i_label_asym_id_1 
_ndb_struct_na_base_pair_step.i_label_comp_id_1 
_ndb_struct_na_base_pair_step.i_label_seq_id_1 
_ndb_struct_na_base_pair_step.i_symmetry_1 
_ndb_struct_na_base_pair_step.j_label_asym_id_1 
_ndb_struct_na_base_pair_step.j_label_comp_id_1 
_ndb_struct_na_base_pair_step.j_label_seq_id_1 
_ndb_struct_na_base_pair_step.j_symmetry_1 
_ndb_struct_na_base_pair_step.i_label_asym_id_2 
_ndb_struct_na_base_pair_step.i_label_comp_id_2 
_ndb_struct_na_base_pair_step.i_label_seq_id_2 
_ndb_struct_na_base_pair_step.i_symmetry_2 
_ndb_struct_na_base_pair_step.j_label_asym_id_2 
_ndb_struct_na_base_pair_step.j_label_comp_id_2 
_ndb_struct_na_base_pair_step.j_label_seq_id_2 
_ndb_struct_na_base_pair_step.j_symmetry_2 
_ndb_struct_na_base_pair_step.shift 
_ndb_struct_na_base_pair_step.slide 
_ndb_struct_na_base_pair_step.rise 
_ndb_struct_na_base_pair_step.tilt 
_ndb_struct_na_base_pair_step.roll 
_ndb_struct_na_base_pair_step.twist 
_ndb_struct_na_base_pair_step.x_displacement 
_ndb_struct_na_base_pair_step.y_displacement 
_ndb_struct_na_base_pair_step.helical_rise 
_ndb_struct_na_base_pair_step.inclination 
_ndb_struct_na_base_pair_step.tip 
_ndb_struct_na_base_pair_step.helical_twist 
_ndb_struct_na_base_pair_step.step_number 
_ndb_struct_na_base_pair_step.step_name 
_ndb_struct_na_base_pair_step.i_auth_asym_id_1 
_ndb_struct_na_base_pair_step.i_auth_seq_id_1 
_ndb_struct_na_base_pair_step.i_PDB_ins_code_1 
_ndb_struct_na_base_pair_step.j_auth_asym_id_1 
_ndb_struct_na_base_pair_step.j_auth_seq_id_1 
_ndb_struct_na_base_pair_step.j_PDB_ins_code_1 
_ndb_struct_na_base_pair_step.i_auth_asym_id_2 
_ndb_struct_na_base_pair_step.i_auth_seq_id_2 
_ndb_struct_na_base_pair_step.i_PDB_ins_code_2 
_ndb_struct_na_base_pair_step.j_auth_asym_id_2 
_ndb_struct_na_base_pair_step.j_auth_seq_id_2 
_ndb_struct_na_base_pair_step.j_PDB_ins_code_2 
1 A DG 1 1_555 B DC 8 1_555 A DC 2 1_555 B DG 7 1_555 0.806  -0.558 3.230 6.585  1.503  38.139 -1.027 -0.404 3.295 2.278  -9.982 
38.710 1 AA_DG1DC2:DG7DC8_BB A 1 ? B 8 ? A 2 ? B 7 ? 
1 A DC 2 1_555 B DG 7 1_555 A DC 4 1_555 B DG 5 1_555 -0.224 -2.386 6.016 -1.855 26.601 61.904 -3.977 0.077  4.766 24.680 1.721  
66.876 2 AA_DC2DC4:DG5DG7_BB A 2 ? B 7 ? A 4 ? B 5 ? 
1 A DC 4 1_555 B DG 5 1_555 A DG 5 1_555 B DC 4 1_555 -0.364 -1.816 3.441 -1.633 18.480 28.040 -5.882 0.390  1.927 33.855 2.992  
33.519 3 AA_DC4DG5:DC4DG5_BB A 4 ? B 5 ? A 5 ? B 4 ? 
1 A DG 5 1_555 B DC 4 1_555 A DG 7 1_555 B DC 2 1_555 0.374  -2.434 5.921 -1.452 32.153 59.868 -4.295 -0.432 4.273 30.004 1.355  
67.258 4 AA_DG5DG7:DC2DC4_BB A 5 ? B 4 ? A 7 ? B 2 ? 
1 A DG 7 1_555 B DC 2 1_555 A DC 8 1_555 B DG 1 1_555 -0.587 -1.459 3.325 -2.164 0.891  36.203 -2.470 0.634  3.317 1.431  3.478  
36.276 5 AA_DG7DC8:DG1DC2_BB A 7 ? B 2 ? A 8 ? B 1 ? 
# 
loop_
_pdbx_audit_support.funding_organization 
_pdbx_audit_support.country 
_pdbx_audit_support.grant_number 
_pdbx_audit_support.ordinal 
'the Key Research and Development Project of China' China 2016YFA0500600 1 
'National Natural Science Foundation of China'      China 31370728       2 
# 
_atom_sites.entry_id                    5WSQ 
_atom_sites.fract_transf_matrix[1][1]   0.01784046 
_atom_sites.fract_transf_matrix[1][2]   0.01723080 
_atom_sites.fract_transf_matrix[1][3]   -0.00910420 
_atom_sites.fract_transf_matrix[2][1]   -0.00325640 
_atom_sites.fract_transf_matrix[2][2]   -0.00626380 
_atom_sites.fract_transf_matrix[2][3]   -0.01823619 
_atom_sites.fract_transf_matrix[3][1]   -0.03327706 
_atom_sites.fract_transf_matrix[3][2]   0.03181941 
_atom_sites.fract_transf_matrix[3][3]   -0.00498716 
_atom_sites.fract_transf_vector[1]      0.549840 
_atom_sites.fract_transf_vector[2]      0.806756 
_atom_sites.fract_transf_vector[3]      -0.104240 
# 
loop_
_atom_type.symbol 
C  
HG 
N  
O  
P  
# 
loop_
_atom_site.group_PDB 
_atom_site.id 
_atom_site.type_symbol 
_atom_site.label_atom_id 
_atom_site.label_alt_id 
_atom_site.label_comp_id 
_atom_site.label_asym_id 
_atom_site.label_entity_id 
_atom_site.label_seq_id 
_atom_site.pdbx_PDB_ins_code 
_atom_site.Cartn_x 
_atom_site.Cartn_y 
_atom_site.Cartn_z 
_atom_site.occupancy 
_atom_site.B_iso_or_equiv 
_atom_site.pdbx_formal_charge 
_atom_site.auth_seq_id 
_atom_site.auth_comp_id 
_atom_site.auth_asym_id 
_atom_site.auth_atom_id 
_atom_site.pdbx_PDB_model_num 
ATOM   1   O  "O5'" . DG  A 1 1 ? -5.262  -7.735  5.442   1.00 16.36 ? 1   DG  A "O5'" 1 
ATOM   2   C  "C5'" . DG  A 1 1 ? -6.495  -8.453  5.234   1.00 14.26 ? 1   DG  A "C5'" 1 
ATOM   3   C  "C4'" . DG  A 1 1 ? -7.692  -7.527  5.209   1.00 12.53 ? 1   DG  A "C4'" 1 
ATOM   4   O  "O4'" . DG  A 1 1 ? -7.830  -6.808  6.459   1.00 11.50 ? 1   DG  A "O4'" 1 
ATOM   5   C  "C3'" . DG  A 1 1 ? -7.698  -6.444  4.133   1.00 12.14 ? 1   DG  A "C3'" 1 
ATOM   6   O  "O3'" . DG  A 1 1 ? -8.162  -6.965  2.881   1.00 12.19 ? 1   DG  A "O3'" 1 
ATOM   7   C  "C2'" . DG  A 1 1 ? -8.663  -5.436  4.722   1.00 11.81 ? 1   DG  A "C2'" 1 
ATOM   8   C  "C1'" . DG  A 1 1 ? -8.325  -5.492  6.204   1.00 10.88 ? 1   DG  A "C1'" 1 
ATOM   9   N  N9    . DG  A 1 1 ? -7.305  -4.535  6.624   1.00 10.26 ? 1   DG  A N9    1 
ATOM   10  C  C8    . DG  A 1 1 ? -5.984  -4.788  6.908   1.00 10.73 ? 1   DG  A C8    1 
ATOM   11  N  N7    . DG  A 1 1 ? -5.321  -3.722  7.262   1.00 10.63 ? 1   DG  A N7    1 
ATOM   12  C  C5    . DG  A 1 1 ? -6.261  -2.703  7.218   1.00 10.20 ? 1   DG  A C5    1 
ATOM   13  C  C6    . DG  A 1 1 ? -6.131  -1.319  7.504   1.00 10.06 ? 1   DG  A C6    1 
ATOM   14  O  O6    . DG  A 1 1 ? -5.125  -0.699  7.870   1.00 10.75 ? 1   DG  A O6    1 
ATOM   15  N  N1    . DG  A 1 1 ? -7.334  -0.644  7.324   1.00 10.06 ? 1   DG  A N1    1 
ATOM   16  C  C2    . DG  A 1 1 ? -8.514  -1.223  6.925   1.00 9.74  ? 1   DG  A C2    1 
ATOM   17  N  N2    . DG  A 1 1 ? -9.571  -0.406  6.815   1.00 9.98  ? 1   DG  A N2    1 
ATOM   18  N  N3    . DG  A 1 1 ? -8.651  -2.513  6.662   1.00 9.57  ? 1   DG  A N3    1 
ATOM   19  C  C4    . DG  A 1 1 ? -7.491  -3.188  6.824   1.00 9.78  ? 1   DG  A C4    1 
ATOM   20  P  P     . DC  A 1 2 ? -7.398  -6.620  1.508   1.00 13.08 ? 2   DC  A P     1 
ATOM   21  O  OP1   . DC  A 1 2 ? -7.883  -7.572  0.476   1.00 14.38 ? 2   DC  A OP1   1 
ATOM   22  O  OP2   . DC  A 1 2 ? -5.944  -6.519  1.785   1.00 13.67 ? 2   DC  A OP2   1 
ATOM   23  O  "O5'" . DC  A 1 2 ? -7.913  -5.157  1.157   1.00 12.20 ? 2   DC  A "O5'" 1 
ATOM   24  C  "C5'" . DC  A 1 2 ? -9.281  -4.925  0.799   1.00 12.63 ? 2   DC  A "C5'" 1 
ATOM   25  C  "C4'" . DC  A 1 2 ? -9.672  -3.500  1.113   1.00 11.75 ? 2   DC  A "C4'" 1 
ATOM   26  O  "O4'" . DC  A 1 2 ? -9.449  -3.193  2.509   1.00 11.43 ? 2   DC  A "O4'" 1 
ATOM   27  C  "C3'" . DC  A 1 2 ? -8.896  -2.424  0.368   1.00 11.77 ? 2   DC  A "C3'" 1 
ATOM   28  O  "O3'" . DC  A 1 2 ? -9.387  -2.307  -0.965  1.00 12.54 ? 2   DC  A "O3'" 1 
ATOM   29  C  "C2'" . DC  A 1 2 ? -9.177  -1.216  1.237   1.00 11.85 ? 2   DC  A "C2'" 1 
ATOM   30  C  "C1'" . DC  A 1 2 ? -9.056  -1.821  2.629   1.00 11.18 ? 2   DC  A "C1'" 1 
ATOM   31  N  N1    . DC  A 1 2 ? -7.684  -1.767  3.183   1.00 10.41 ? 2   DC  A N1    1 
ATOM   32  C  C2    . DC  A 1 2 ? -7.244  -0.567  3.752   1.00 10.28 ? 2   DC  A C2    1 
ATOM   33  O  O2    . DC  A 1 2 ? -8.016  0.404   3.778   1.00 10.83 ? 2   DC  A O2    1 
ATOM   34  N  N3    . DC  A 1 2 ? -5.993  -0.495  4.265   1.00 10.53 ? 2   DC  A N3    1 
ATOM   35  C  C4    . DC  A 1 2 ? -5.184  -1.556  4.200   1.00 10.82 ? 2   DC  A C4    1 
ATOM   36  N  N4    . DC  A 1 2 ? -3.961  -1.442  4.722   1.00 10.83 ? 2   DC  A N4    1 
ATOM   37  C  C5    . DC  A 1 2 ? -5.605  -2.790  3.623   1.00 10.40 ? 2   DC  A C5    1 
ATOM   38  C  C6    . DC  A 1 2 ? -6.845  -2.847  3.118   1.00 10.40 ? 2   DC  A C6    1 
ATOM   39  P  P     . DC  A 1 3 ? -8.476  -1.671  -2.108  1.00 12.74 ? 3   DC  A P     1 
ATOM   40  O  OP1   . DC  A 1 3 ? -9.220  -1.788  -3.380  1.00 14.18 ? 3   DC  A OP1   1 
ATOM   41  O  OP2   . DC  A 1 3 ? -7.109  -2.239  -2.015  1.00 13.71 ? 3   DC  A OP2   1 
ATOM   42  O  "O5'" . DC  A 1 3 ? -8.389  -0.138  -1.694  1.00 11.70 ? 3   DC  A "O5'" 1 
ATOM   43  C  "C5'" . DC  A 1 3 ? -9.556  0.696   -1.716  1.00 11.74 ? 3   DC  A "C5'" 1 
ATOM   44  C  "C4'" . DC  A 1 3 ? -9.226  2.085   -1.222  1.00 11.11 ? 3   DC  A "C4'" 1 
ATOM   45  O  "O4'" . DC  A 1 3 ? -8.815  2.059   0.161   1.00 10.44 ? 3   DC  A "O4'" 1 
ATOM   46  C  "C3'" . DC  A 1 3 ? -8.079  2.783   -1.939  1.00 11.11 ? 3   DC  A "C3'" 1 
ATOM   47  O  "O3'" . DC  A 1 3 ? -8.538  3.343   -3.167  1.00 12.24 ? 3   DC  A "O3'" 1 
ATOM   48  C  "C2'" . DC  A 1 3 ? -7.681  3.836   -0.928  1.00 11.18 ? 3   DC  A "C2'" 1 
ATOM   49  C  "C1'" . DC  A 1 3 ? -7.833  3.077   0.380   1.00 10.02 ? 3   DC  A "C1'" 1 
ATOM   50  N  N1    . DC  A 1 3 ? -6.600  2.429   0.854   1.00 9.91  ? 3   DC  A N1    1 
ATOM   51  C  C2    . DC  A 1 3 ? -5.638  3.198   1.521   1.00 10.35 ? 3   DC  A C2    1 
ATOM   52  O  O2    . DC  A 1 3 ? -5.847  4.410   1.682   1.00 11.45 ? 3   DC  A O2    1 
ATOM   53  N  N3    . DC  A 1 3 ? -4.520  2.594   1.989   1.00 10.19 ? 3   DC  A N3    1 
ATOM   54  C  C4    . DC  A 1 3 ? -4.336  1.284   1.789   1.00 9.91  ? 3   DC  A C4    1 
ATOM   55  N  N4    . DC  A 1 3 ? -3.221  0.724   2.255   1.00 9.93  ? 3   DC  A N4    1 
ATOM   56  C  C5    . DC  A 1 3 ? -5.288  0.488   1.096   1.00 9.70  ? 3   DC  A C5    1 
ATOM   57  C  C6    . DC  A 1 3 ? -6.391  1.094   0.646   1.00 9.76  ? 3   DC  A C6    1 
ATOM   58  P  P     . DC  A 1 4 ? -7.673  3.192   -4.505  1.00 12.35 ? 4   DC  A P     1 
ATOM   59  O  OP1   . DC  A 1 4 ? -8.524  3.634   -5.629  1.00 13.69 ? 4   DC  A OP1   1 
ATOM   60  O  OP2   . DC  A 1 4 ? -7.076  1.836   -4.539  1.00 13.66 ? 4   DC  A OP2   1 
ATOM   61  O  "O5'" . DC  A 1 4 ? -6.500  4.247   -4.303  1.00 12.05 ? 4   DC  A "O5'" 1 
ATOM   62  C  "C5'" . DC  A 1 4 ? -6.779  5.649   -4.378  1.00 12.43 ? 4   DC  A "C5'" 1 
ATOM   63  C  "C4'" . DC  A 1 4 ? -5.709  6.444   -3.669  1.00 11.83 ? 4   DC  A "C4'" 1 
ATOM   64  O  "O4'" . DC  A 1 4 ? -5.594  6.039   -2.287  1.00 11.13 ? 4   DC  A "O4'" 1 
ATOM   65  C  "C3'" . DC  A 1 4 ? -4.297  6.287   -4.210  1.00 11.57 ? 4   DC  A "C3'" 1 
ATOM   66  O  "O3'" . DC  A 1 4 ? -4.137  6.966   -5.458  1.00 13.41 ? 4   DC  A "O3'" 1 
ATOM   67  C  "C2'" . DC  A 1 4 ? -3.497  6.842   -3.049  1.00 11.14 ? 4   DC  A "C2'" 1 
ATOM   68  C  "C1'" . DC  A 1 4 ? -4.237  6.216   -1.868  1.00 10.21 ? 4   DC  A "C1'" 1 
ATOM   69  N  N1    . DC  A 1 4 ? -3.680  4.901   -1.486  1.00 10.16 ? 4   DC  A N1    1 
ATOM   70  C  C2    . DC  A 1 4 ? -2.566  4.880   -0.640  1.00 9.82  ? 4   DC  A C2    1 
ATOM   71  O  O2    . DC  A 1 4 ? -2.118  5.954   -0.214  1.00 10.46 ? 4   DC  A O2    1 
ATOM   72  N  N3    . DC  A 1 4 ? -2.008  3.692   -0.307  1.00 9.59  ? 4   DC  A N3    1 
ATOM   73  C  C4    . DC  A 1 4 ? -2.513  2.558   -0.796  1.00 10.01 ? 4   DC  A C4    1 
ATOM   74  N  N4    . DC  A 1 4 ? -1.931  1.409   -0.441  1.00 10.12 ? 4   DC  A N4    1 
ATOM   75  C  C5    . DC  A 1 4 ? -3.639  2.550   -1.670  1.00 9.92  ? 4   DC  A C5    1 
ATOM   76  C  C6    . DC  A 1 4 ? -4.180  3.733   -1.994  1.00 10.56 ? 4   DC  A C6    1 
ATOM   77  P  P     . DG  A 1 5 ? -3.053  6.458   -6.528  1.00 14.00 ? 5   DG  A P     1 
ATOM   78  O  OP1   . DG  A 1 5 ? -3.199  7.280   -7.752  1.00 15.39 ? 5   DG  A OP1   1 
ATOM   79  O  OP2   . DG  A 1 5 ? -3.121  4.979   -6.621  1.00 15.79 ? 5   DG  A OP2   1 
ATOM   80  O  "O5'" . DG  A 1 5 ? -1.674  6.850   -5.845  1.00 12.16 ? 5   DG  A "O5'" 1 
ATOM   81  C  "C5'" . DG  A 1 5 ? -1.336  8.228   -5.643  1.00 12.05 ? 5   DG  A "C5'" 1 
ATOM   82  C  "C4'" . DG  A 1 5 ? -0.027  8.313   -4.899  1.00 10.95 ? 5   DG  A "C4'" 1 
ATOM   83  O  "O4'" . DG  A 1 5 ? -0.152  7.674   -3.613  1.00 10.15 ? 5   DG  A "O4'" 1 
ATOM   84  C  "C3'" . DG  A 1 5 ? 1.135   7.591   -5.566  1.00 10.78 ? 5   DG  A "C3'" 1 
ATOM   85  O  "O3'" . DG  A 1 5 ? 1.719   8.391   -6.594  1.00 11.90 ? 5   DG  A "O3'" 1 
ATOM   86  C  "C2'" . DG  A 1 5 ? 2.069   7.364   -4.399  1.00 10.38 ? 5   DG  A "C2'" 1 
ATOM   87  C  "C1'" . DG  A 1 5 ? 1.097   7.082   -3.264  1.00 9.41  ? 5   DG  A "C1'" 1 
ATOM   88  N  N9    . DG  A 1 5 ? 0.878   5.661   -3.020  1.00 9.17  ? 5   DG  A N9    1 
ATOM   89  C  C8    . DG  A 1 5 ? -0.212  4.892   -3.356  1.00 9.30  ? 5   DG  A C8    1 
ATOM   90  N  N7    . DG  A 1 5 ? -0.093  3.646   -2.986  1.00 9.24  ? 5   DG  A N7    1 
ATOM   91  C  C5    . DG  A 1 5 ? 1.143   3.592   -2.356  1.00 8.94  ? 5   DG  A C5    1 
ATOM   92  C  C6    . DG  A 1 5 ? 1.817   2.505   -1.743  1.00 8.55  ? 5   DG  A C6    1 
ATOM   93  O  O6    . DG  A 1 5 ? 1.439   1.335   -1.617  1.00 8.86  ? 5   DG  A O6    1 
ATOM   94  N  N1    . DG  A 1 5 ? 3.059   2.890   -1.242  1.00 8.31  ? 5   DG  A N1    1 
ATOM   95  C  C2    . DG  A 1 5 ? 3.584   4.158   -1.322  1.00 8.62  ? 5   DG  A C2    1 
ATOM   96  N  N2    . DG  A 1 5 ? 4.795   4.337   -0.774  1.00 9.01  ? 5   DG  A N2    1 
ATOM   97  N  N3    . DG  A 1 5 ? 2.961   5.179   -1.883  1.00 8.84  ? 5   DG  A N3    1 
ATOM   98  C  C4    . DG  A 1 5 ? 1.759   4.825   -2.382  1.00 8.92  ? 5   DG  A C4    1 
ATOM   99  P  P     . DT  A 1 6 ? 2.292   7.703   -7.912  1.00 12.48 ? 6   DT  A P     1 
ATOM   100 O  OP1   . DT  A 1 6 ? 2.850   8.769   -8.776  1.00 13.18 ? 6   DT  A OP1   1 
ATOM   101 O  OP2   . DT  A 1 6 ? 1.258   6.792   -8.451  1.00 13.19 ? 6   DT  A OP2   1 
ATOM   102 O  "O5'" . DT  A 1 6 ? 3.486   6.812   -7.361  1.00 11.54 ? 6   DT  A "O5'" 1 
ATOM   103 C  "C5'" . DT  A 1 6 ? 4.672   7.433   -6.844  1.00 11.18 ? 6   DT  A "C5'" 1 
ATOM   104 C  "C4'" . DT  A 1 6 ? 5.585   6.388   -6.247  1.00 10.95 ? 6   DT  A "C4'" 1 
ATOM   105 O  "O4'" . DT  A 1 6 ? 4.970   5.793   -5.086  1.00 10.16 ? 6   DT  A "O4'" 1 
ATOM   106 C  "C3'" . DT  A 1 6 ? 5.920   5.208   -7.149  1.00 11.13 ? 6   DT  A "C3'" 1 
ATOM   107 O  "O3'" . DT  A 1 6 ? 6.956   5.573   -8.065  1.00 12.40 ? 6   DT  A "O3'" 1 
ATOM   108 C  "C2'" . DT  A 1 6 ? 6.347   4.167   -6.137  1.00 10.84 ? 6   DT  A "C2'" 1 
ATOM   109 C  "C1'" . DT  A 1 6 ? 5.379   4.431   -4.988  1.00 9.88  ? 6   DT  A "C1'" 1 
ATOM   110 N  N1    . DT  A 1 6 ? 4.175   3.578   -5.047  1.00 9.79  ? 6   DT  A N1    1 
ATOM   111 C  C2    . DT  A 1 6 ? 4.246   2.373   -4.393  1.00 9.83  ? 6   DT  A C2    1 
ATOM   112 O  O2    . DT  A 1 6 ? 5.222   2.017   -3.752  1.00 10.50 ? 6   DT  A O2    1 
ATOM   113 N  N3    . DT  A 1 6 ? 3.118   1.600   -4.495  1.00 9.51  ? 6   DT  A N3    1 
ATOM   114 C  C4    . DT  A 1 6 ? 1.961   1.894   -5.189  1.00 9.44  ? 6   DT  A C4    1 
ATOM   115 O  O4    . DT  A 1 6 ? 1.030   1.094   -5.187  1.00 10.02 ? 6   DT  A O4    1 
ATOM   116 C  C5    . DT  A 1 6 ? 1.962   3.167   -5.874  1.00 9.80  ? 6   DT  A C5    1 
ATOM   117 C  C7    . DT  A 1 6 ? 0.751   3.575   -6.653  1.00 10.19 ? 6   DT  A C7    1 
ATOM   118 C  C6    . DT  A 1 6 ? 3.060   3.931   -5.779  1.00 9.90  ? 6   DT  A C6    1 
ATOM   119 P  P     . DG  A 1 7 ? 6.999   4.975   -9.578  1.00 14.49 ? 7   DG  A P     1 
ATOM   120 O  OP1   . DG  A 1 7 ? 7.985   5.785   -10.322 1.00 15.37 ? 7   DG  A OP1   1 
ATOM   121 O  OP2   . DG  A 1 7 ? 5.615   4.843   -10.097 1.00 16.40 ? 7   DG  A OP2   1 
ATOM   122 O  "O5'" . DG  A 1 7 ? 7.529   3.508   -9.369  1.00 14.62 ? 7   DG  A "O5'" 1 
ATOM   123 C  "C5'" . DG  A 1 7 ? 8.834   3.299   -8.848  1.00 14.96 ? 7   DG  A "C5'" 1 
ATOM   124 C  "C4'" . DG  A 1 7 ? 9.081   1.814   -8.687  1.00 15.53 ? 7   DG  A "C4'" 1 
ATOM   125 O  "O4'" . DG  A 1 7 ? 8.080   1.306   -7.776  1.00 15.87 ? 7   DG  A "O4'" 1 
ATOM   126 C  "C3'" . DG  A 1 7 ? 9.016   0.955   -9.959  1.00 17.52 ? 7   DG  A "C3'" 1 
ATOM   127 O  "O3'" . DG  A 1 7 ? 10.139  0.054   -9.841  1.00 20.23 ? 7   DG  A "O3'" 1 
ATOM   128 C  "C2'" . DG  A 1 7 ? 7.643   0.321   -9.833  1.00 16.95 ? 7   DG  A "C2'" 1 
ATOM   129 C  "C1'" . DG  A 1 7 ? 7.515   0.149   -8.339  1.00 16.10 ? 7   DG  A "C1'" 1 
ATOM   130 N  N9    . DG  A 1 7 ? 6.165   -0.016  -7.815  1.00 15.35 ? 7   DG  A N9    1 
ATOM   131 C  C8    . DG  A 1 7 ? 5.048   0.734   -8.070  1.00 15.42 ? 7   DG  A C8    1 
ATOM   132 N  N7    . DG  A 1 7 ? 3.974   0.276   -7.490  1.00 14.59 ? 7   DG  A N7    1 
ATOM   133 C  C5    . DG  A 1 7 ? 4.403   -0.865  -6.827  1.00 13.64 ? 7   DG  A C5    1 
ATOM   134 C  C6    . DG  A 1 7 ? 3.677   -1.814  -6.029  1.00 12.90 ? 7   DG  A C6    1 
ATOM   135 O  O6    . DG  A 1 7 ? 2.502   -1.811  -5.722  1.00 13.55 ? 7   DG  A O6    1 
ATOM   136 N  N1    . DG  A 1 7 ? 4.503   -2.832  -5.563  1.00 12.55 ? 7   DG  A N1    1 
ATOM   137 C  C2    . DG  A 1 7 ? 5.854   -2.911  -5.784  1.00 13.08 ? 7   DG  A C2    1 
ATOM   138 N  N2    . DG  A 1 7 ? 6.495   -3.944  -5.224  1.00 12.93 ? 7   DG  A N2    1 
ATOM   139 N  N3    . DG  A 1 7 ? 6.538   -2.036  -6.514  1.00 13.67 ? 7   DG  A N3    1 
ATOM   140 C  C4    . DG  A 1 7 ? 5.756   -1.048  -7.000  1.00 14.50 ? 7   DG  A C4    1 
ATOM   141 P  P     . DC  A 1 8 ? 10.585  -0.898  -10.966 1.00 23.10 ? 8   DC  A P     1 
ATOM   142 O  OP1   . DC  A 1 8 ? 11.998  -0.973  -10.994 1.00 24.68 ? 8   DC  A OP1   1 
ATOM   143 O  OP2   . DC  A 1 8 ? 9.813   -0.552  -12.078 1.00 23.43 ? 8   DC  A OP2   1 
ATOM   144 O  "O5'" . DC  A 1 8 ? 10.069  -2.338  -10.571 1.00 22.29 ? 8   DC  A "O5'" 1 
ATOM   145 C  "C5'" . DC  A 1 8 ? 10.939  -3.056  -9.658  1.00 22.08 ? 8   DC  A "C5'" 1 
ATOM   146 C  "C4'" . DC  A 1 8 ? 10.257  -4.300  -9.147  1.00 20.72 ? 8   DC  A "C4'" 1 
ATOM   147 O  "O4'" . DC  A 1 8 ? 8.915   -3.988  -8.793  1.00 19.45 ? 8   DC  A "O4'" 1 
ATOM   148 C  "C3'" . DC  A 1 8 ? 10.161  -5.468  -10.124 1.00 20.78 ? 8   DC  A "C3'" 1 
ATOM   149 O  "O3'" . DC  A 1 8 ? 10.803  -6.585  -9.535  1.00 22.51 ? 8   DC  A "O3'" 1 
ATOM   150 C  "C2'" . DC  A 1 8 ? 8.659   -5.683  -10.294 1.00 19.60 ? 8   DC  A "C2'" 1 
ATOM   151 C  "C1'" . DC  A 1 8 ? 8.114   -5.100  -9.015  1.00 18.44 ? 8   DC  A "C1'" 1 
ATOM   152 N  N1    . DC  A 1 8 ? 6.715   -4.634  -8.991  1.00 16.60 ? 8   DC  A N1    1 
ATOM   153 C  C2    . DC  A 1 8 ? 5.778   -5.387  -8.277  1.00 15.28 ? 8   DC  A C2    1 
ATOM   154 O  O2    . DC  A 1 8 ? 6.131   -6.455  -7.784  1.00 14.81 ? 8   DC  A O2    1 
ATOM   155 N  N3    . DC  A 1 8 ? 4.503   -4.968  -8.214  1.00 14.73 ? 8   DC  A N3    1 
ATOM   156 C  C4    . DC  A 1 8 ? 4.138   -3.851  -8.850  1.00 15.09 ? 8   DC  A C4    1 
ATOM   157 N  N4    . DC  A 1 8 ? 2.873   -3.461  -8.745  1.00 14.83 ? 8   DC  A N4    1 
ATOM   158 C  C5    . DC  A 1 8 ? 5.069   -3.061  -9.580  1.00 15.49 ? 8   DC  A C5    1 
ATOM   159 C  C6    . DC  A 1 8 ? 6.341   -3.474  -9.606  1.00 16.39 ? 8   DC  A C6    1 
ATOM   160 O  "O5'" . DG  B 1 1 ? -3.687  -9.087  -3.434  1.00 18.55 ? 1   DG  B "O5'" 1 
ATOM   161 C  "C5'" . DG  B 1 1 ? -3.459  -10.460 -3.061  1.00 17.98 ? 1   DG  B "C5'" 1 
ATOM   162 C  "C4'" . DG  B 1 1 ? -2.048  -10.906 -3.376  1.00 16.01 ? 1   DG  B "C4'" 1 
ATOM   163 O  "O4'" . DG  B 1 1 ? -1.749  -10.775 -4.786  1.00 16.53 ? 1   DG  B "O4'" 1 
ATOM   164 C  "C3'" . DG  B 1 1 ? -0.928  -10.144 -2.677  1.00 14.97 ? 1   DG  B "C3'" 1 
ATOM   165 O  "O3'" . DG  B 1 1 ? -0.783  -10.559 -1.312  1.00 15.76 ? 1   DG  B "O3'" 1 
ATOM   166 C  "C2'" . DG  B 1 1 ? 0.255   -10.473 -3.567  1.00 15.01 ? 1   DG  B "C2'" 1 
ATOM   167 C  "C1'" . DG  B 1 1 ? -0.379  -10.403 -4.952  1.00 15.57 ? 1   DG  B "C1'" 1 
ATOM   168 N  N9    . DG  B 1 1 ? -0.341  -9.064  -5.532  1.00 15.56 ? 1   DG  B N9    1 
ATOM   169 C  C8    . DG  B 1 1 ? -1.393  -8.196  -5.704  1.00 15.71 ? 1   DG  B C8    1 
ATOM   170 N  N7    . DG  B 1 1 ? -1.037  -7.058  -6.233  1.00 16.13 ? 1   DG  B N7    1 
ATOM   171 C  C5    . DG  B 1 1 ? 0.333   -7.179  -6.421  1.00 15.47 ? 1   DG  B C5    1 
ATOM   172 C  C6    . DG  B 1 1 ? 1.270   -6.262  -6.965  1.00 14.86 ? 1   DG  B C6    1 
ATOM   173 O  O6    . DG  B 1 1 ? 1.069   -5.125  -7.402  1.00 17.01 ? 1   DG  B O6    1 
ATOM   174 N  N1    . DG  B 1 1 ? 2.557   -6.790  -6.969  1.00 13.95 ? 1   DG  B N1    1 
ATOM   175 C  C2    . DG  B 1 1 ? 2.901   -8.037  -6.509  1.00 13.86 ? 1   DG  B C2    1 
ATOM   176 N  N2    . DG  B 1 1 ? 4.201   -8.366  -6.596  1.00 13.09 ? 1   DG  B N2    1 
ATOM   177 N  N3    . DG  B 1 1 ? 2.036   -8.903  -6.003  1.00 14.06 ? 1   DG  B N3    1 
ATOM   178 C  C4    . DG  B 1 1 ? 0.779   -8.410  -5.991  1.00 14.91 ? 1   DG  B C4    1 
ATOM   179 P  P     . DC  B 1 2 ? -0.289  -9.514  -0.194  1.00 15.61 ? 2   DC  B P     1 
ATOM   180 O  OP1   . DC  B 1 2 ? -0.342  -10.192 1.122   1.00 16.96 ? 2   DC  B OP1   1 
ATOM   181 O  OP2   . DC  B 1 2 ? -1.023  -8.236  -0.386  1.00 17.99 ? 2   DC  B OP2   1 
ATOM   182 O  "O5'" . DC  B 1 2 ? 1.236   -9.263  -0.581  1.00 13.38 ? 2   DC  B "O5'" 1 
ATOM   183 C  "C5'" . DC  B 1 2 ? 2.191   -10.334 -0.664  1.00 12.91 ? 2   DC  B "C5'" 1 
ATOM   184 C  "C4'" . DC  B 1 2 ? 3.506   -9.820  -1.208  1.00 11.10 ? 2   DC  B "C4'" 1 
ATOM   185 O  "O4'" . DC  B 1 2 ? 3.364   -9.399  -2.584  1.00 10.92 ? 2   DC  B "O4'" 1 
ATOM   186 C  "C3'" . DC  B 1 2 ? 4.085   -8.602  -0.499  1.00 10.48 ? 2   DC  B "C3'" 1 
ATOM   187 O  "O3'" . DC  B 1 2 ? 4.795   -8.992  0.673   1.00 10.38 ? 2   DC  B "O3'" 1 
ATOM   188 C  "C2'" . DC  B 1 2 ? 5.009   -8.041  -1.559  1.00 10.58 ? 2   DC  B "C2'" 1 
ATOM   189 C  "C1'" . DC  B 1 2 ? 4.195   -8.259  -2.824  1.00 10.36 ? 2   DC  B "C1'" 1 
ATOM   190 N  N1    . DC  B 1 2 ? 3.331   -7.116  -3.185  1.00 10.46 ? 2   DC  B N1    1 
ATOM   191 C  C2    . DC  B 1 2 ? 3.917   -6.018  -3.825  1.00 10.77 ? 2   DC  B C2    1 
ATOM   192 O  O2    . DC  B 1 2 ? 5.133   -6.044  -4.069  1.00 11.13 ? 2   DC  B O2    1 
ATOM   193 N  N3    . DC  B 1 2 ? 3.145   -4.960  -4.164  1.00 10.93 ? 2   DC  B N3    1 
ATOM   194 C  C4    . DC  B 1 2 ? 1.841   -4.965  -3.873  1.00 11.05 ? 2   DC  B C4    1 
ATOM   195 N  N4    . DC  B 1 2 ? 1.115   -3.900  -4.224  1.00 11.46 ? 2   DC  B N4    1 
ATOM   196 C  C5    . DC  B 1 2 ? 1.222   -6.065  -3.211  1.00 10.81 ? 2   DC  B C5    1 
ATOM   197 C  C6    . DC  B 1 2 ? 1.997   -7.106  -2.881  1.00 10.69 ? 2   DC  B C6    1 
ATOM   198 P  P     . DC  B 1 3 ? 4.852   -8.024  1.940   1.00 10.64 ? 3   DC  B P     1 
ATOM   199 O  OP1   . DC  B 1 3 ? 5.416   -8.801  3.061   1.00 11.61 ? 3   DC  B OP1   1 
ATOM   200 O  OP2   . DC  B 1 3 ? 3.538   -7.363  2.105   1.00 11.62 ? 3   DC  B OP2   1 
ATOM   201 O  "O5'" . DC  B 1 3 ? 5.879   -6.897  1.490   1.00 10.60 ? 3   DC  B "O5'" 1 
ATOM   202 C  "C5'" . DC  B 1 3 ? 7.271   -7.201  1.328   1.00 10.86 ? 3   DC  B "C5'" 1 
ATOM   203 C  "C4'" . DC  B 1 3 ? 8.029   -5.977  0.875   1.00 11.16 ? 3   DC  B "C4'" 1 
ATOM   204 O  "O4'" . DC  B 1 3 ? 7.682   -5.625  -0.483  1.00 11.18 ? 3   DC  B "O4'" 1 
ATOM   205 C  "C3'" . DC  B 1 3 ? 7.765   -4.700  1.662   1.00 11.27 ? 3   DC  B "C3'" 1 
ATOM   206 O  "O3'" . DC  B 1 3 ? 8.427   -4.700  2.931   1.00 12.84 ? 3   DC  B "O3'" 1 
ATOM   207 C  "C2'" . DC  B 1 3 ? 8.283   -3.653  0.699   1.00 11.23 ? 3   DC  B "C2'" 1 
ATOM   208 C  "C1'" . DC  B 1 3 ? 7.822   -4.208  -0.647  1.00 11.03 ? 3   DC  B "C1'" 1 
ATOM   209 N  N1    . DC  B 1 3 ? 6.525   -3.661  -1.088  1.00 10.77 ? 3   DC  B N1    1 
ATOM   210 C  C2    . DC  B 1 3 ? 6.503   -2.445  -1.780  1.00 10.92 ? 3   DC  B C2    1 
ATOM   211 O  O2    . DC  B 1 3 ? 7.576   -1.870  -2.017  1.00 12.21 ? 3   DC  B O2    1 
ATOM   212 N  N3    . DC  B 1 3 ? 5.314   -1.937  -2.185  1.00 10.52 ? 3   DC  B N3    1 
ATOM   213 C  C4    . DC  B 1 3 ? 4.182   -2.590  -1.906  1.00 10.02 ? 3   DC  B C4    1 
ATOM   214 N  N4    . DC  B 1 3 ? 3.030   -2.060  -2.316  1.00 10.51 ? 3   DC  B N4    1 
ATOM   215 C  C5    . DC  B 1 3 ? 4.176   -3.817  -1.186  1.00 10.14 ? 3   DC  B C5    1 
ATOM   216 C  C6    . DC  B 1 3 ? 5.357   -4.308  -0.793  1.00 10.46 ? 3   DC  B C6    1 
ATOM   217 P  P     . DC  B 1 4 ? 7.755   -3.974  4.201   1.00 12.97 ? 4   DC  B P     1 
ATOM   218 O  OP1   . DC  B 1 4 ? 8.562   -4.319  5.401   1.00 13.56 ? 4   DC  B OP1   1 
ATOM   219 O  OP2   . DC  B 1 4 ? 6.298   -4.256  4.202   1.00 14.19 ? 4   DC  B OP2   1 
ATOM   220 O  "O5'" . DC  B 1 4 ? 7.952   -2.428  3.881   1.00 12.66 ? 4   DC  B "O5'" 1 
ATOM   221 C  "C5'" . DC  B 1 4 ? 9.256   -1.839  3.809   1.00 12.72 ? 4   DC  B "C5'" 1 
ATOM   222 C  "C4'" . DC  B 1 4 ? 9.175   -0.480  3.157   1.00 12.74 ? 4   DC  B "C4'" 1 
ATOM   223 O  "O4'" . DC  B 1 4 ? 8.700   -0.599  1.795   1.00 11.48 ? 4   DC  B "O4'" 1 
ATOM   224 C  "C3'" . DC  B 1 4 ? 8.200   0.503   3.789   1.00 12.66 ? 4   DC  B "C3'" 1 
ATOM   225 O  "O3'" . DC  B 1 4 ? 8.640   1.053   5.039   1.00 15.20 ? 4   DC  B "O3'" 1 
ATOM   226 C  "C2'" . DC  B 1 4 ? 8.053   1.510   2.667   1.00 11.70 ? 4   DC  B "C2'" 1 
ATOM   227 C  "C1'" . DC  B 1 4 ? 7.968   0.584   1.454   1.00 10.42 ? 4   DC  B "C1'" 1 
ATOM   228 N  N1    . DC  B 1 4 ? 6.571   0.212   1.149   1.00 9.81  ? 4   DC  B N1    1 
ATOM   229 C  C2    . DC  B 1 4 ? 5.820   1.087   0.358   1.00 9.55  ? 4   DC  B C2    1 
ATOM   230 O  O2    . DC  B 1 4 ? 6.367   2.102   -0.096  1.00 10.25 ? 4   DC  B O2    1 
ATOM   231 N  N3    . DC  B 1 4 ? 4.522   0.802   0.103   1.00 9.31  ? 4   DC  B N3    1 
ATOM   232 C  C4    . DC  B 1 4 ? 3.968   -0.298  0.616   1.00 9.32  ? 4   DC  B C4    1 
ATOM   233 N  N4    . DC  B 1 4 ? 2.685   -0.540  0.338   1.00 9.60  ? 4   DC  B N4    1 
ATOM   234 C  C5    . DC  B 1 4 ? 4.702   -1.198  1.441   1.00 9.38  ? 4   DC  B C5    1 
ATOM   235 C  C6    . DC  B 1 4 ? 5.986   -0.902  1.689   1.00 9.56  ? 4   DC  B C6    1 
ATOM   236 P  P     . DG  B 1 5 ? 7.557   1.458   6.164   1.00 17.22 ? 5   DG  B P     1 
ATOM   237 O  OP1   . DG  B 1 5 ? 8.296   1.903   7.371   1.00 18.45 ? 5   DG  B OP1   1 
ATOM   238 O  OP2   . DG  B 1 5 ? 6.565   0.357   6.282   1.00 18.56 ? 5   DG  B OP2   1 
ATOM   239 O  "O5'" . DG  B 1 5 ? 6.842   2.730   5.535   1.00 15.50 ? 5   DG  B "O5'" 1 
ATOM   240 C  "C5'" . DG  B 1 5 ? 7.570   3.953   5.370   1.00 13.99 ? 5   DG  B "C5'" 1 
ATOM   241 C  "C4'" . DG  B 1 5 ? 6.766   4.917   4.534   1.00 12.70 ? 5   DG  B "C4'" 1 
ATOM   242 O  "O4'" . DG  B 1 5 ? 6.333   4.276   3.316   1.00 11.33 ? 5   DG  B "O4'" 1 
ATOM   243 C  "C3'" . DG  B 1 5 ? 5.473   5.405   5.170   1.00 12.23 ? 5   DG  B "C3'" 1 
ATOM   244 O  "O3'" . DG  B 1 5 ? 5.710   6.462   6.101   1.00 13.34 ? 5   DG  B "O3'" 1 
ATOM   245 C  "C2'" . DG  B 1 5 ? 4.710   5.885   3.957   1.00 11.78 ? 5   DG  B "C2'" 1 
ATOM   246 C  "C1'" . DG  B 1 5 ? 5.101   4.856   2.900   1.00 10.69 ? 5   DG  B "C1'" 1 
ATOM   247 N  N9    . DG  B 1 5 ? 4.111   3.795   2.750   1.00 10.22 ? 5   DG  B N9    1 
ATOM   248 C  C8    . DG  B 1 5 ? 4.166   2.492   3.186   1.00 10.52 ? 5   DG  B C8    1 
ATOM   249 N  N7    . DG  B 1 5 ? 3.089   1.811   2.899   1.00 10.00 ? 5   DG  B N7    1 
ATOM   250 C  C5    . DG  B 1 5 ? 2.275   2.721   2.237   1.00 9.57  ? 5   DG  B C5    1 
ATOM   251 C  C6    . DG  B 1 5 ? 0.976   2.563   1.684   1.00 9.23  ? 5   DG  B C6    1 
ATOM   252 O  O6    . DG  B 1 5 ? 0.264   1.551   1.659   1.00 9.44  ? 5   DG  B O6    1 
ATOM   253 N  N1    . DG  B 1 5 ? 0.512   3.749   1.121   1.00 8.95  ? 5   DG  B N1    1 
ATOM   254 C  C2    . DG  B 1 5 ? 1.211   4.931   1.085   1.00 9.05  ? 5   DG  B C2    1 
ATOM   255 N  N2    . DG  B 1 5 ? 0.597   5.967   0.494   1.00 9.60  ? 5   DG  B N2    1 
ATOM   256 N  N3    . DG  B 1 5 ? 2.424   5.088   1.589   1.00 9.35  ? 5   DG  B N3    1 
ATOM   257 C  C4    . DG  B 1 5 ? 2.890   3.951   2.146   1.00 9.60  ? 5   DG  B C4    1 
ATOM   258 P  P     . DT  B 1 6 ? 4.770   6.630   7.381   1.00 14.87 ? 6   DT  B P     1 
ATOM   259 O  OP1   . DT  B 1 6 ? 5.259   7.805   8.142   1.00 16.20 ? 6   DT  B OP1   1 
ATOM   260 O  OP2   . DT  B 1 6 ? 4.659   5.309   8.057   1.00 15.89 ? 6   DT  B OP2   1 
ATOM   261 O  "O5'" . DT  B 1 6 ? 3.354   7.005   6.754   1.00 14.79 ? 6   DT  B "O5'" 1 
ATOM   262 C  "C5'" . DT  B 1 6 ? 3.117   8.305   6.180   1.00 15.19 ? 6   DT  B "C5'" 1 
ATOM   263 C  "C4'" . DT  B 1 6 ? 1.776   8.351   5.485   1.00 13.98 ? 6   DT  B "C4'" 1 
ATOM   264 O  "O4'" . DT  B 1 6 ? 1.677   7.289   4.512   1.00 12.88 ? 6   DT  B "O4'" 1 
ATOM   265 C  "C3'" . DT  B 1 6 ? 0.570   8.169   6.399   1.00 14.35 ? 6   DT  B "C3'" 1 
ATOM   266 O  "O3'" . DT  B 1 6 ? 0.191   9.443   6.931   1.00 17.27 ? 6   DT  B "O3'" 1 
ATOM   267 C  "C2'" . DT  B 1 6 ? -0.476  7.594   5.464   1.00 13.07 ? 6   DT  B "C2'" 1 
ATOM   268 C  "C1'" . DT  B 1 6 ? 0.343   6.797   4.454   1.00 11.98 ? 6   DT  B "C1'" 1 
ATOM   269 N  N1    . DT  B 1 6 ? 0.373   5.336   4.697   1.00 11.77 ? 6   DT  B N1    1 
ATOM   270 C  C2    . DT  B 1 6 ? -0.628  4.583   4.129   1.00 11.23 ? 6   DT  B C2    1 
ATOM   271 O  O2    . DT  B 1 6 ? -1.515  5.061   3.440   1.00 11.63 ? 6   DT  B O2    1 
ATOM   272 N  N3    . DT  B 1 6 ? -0.550  3.239   4.391   1.00 10.73 ? 6   DT  B N3    1 
ATOM   273 C  C4    . DT  B 1 6 ? 0.403   2.586   5.150   1.00 11.42 ? 6   DT  B C4    1 
ATOM   274 O  O4    . DT  B 1 6 ? 0.341   1.367   5.292   1.00 12.01 ? 6   DT  B O4    1 
ATOM   275 C  C5    . DT  B 1 6 ? 1.416   3.438   5.728   1.00 11.91 ? 6   DT  B C5    1 
ATOM   276 C  C7    . DT  B 1 6 ? 2.492   2.819   6.564   1.00 12.70 ? 6   DT  B C7    1 
ATOM   277 C  C6    . DT  B 1 6 ? 1.352   4.752   5.476   1.00 11.90 ? 6   DT  B C6    1 
ATOM   278 P  P     . DG  B 1 7 ? -0.494  9.554   8.370   1.00 20.39 ? 7   DG  B P     1 
ATOM   279 O  OP1   . DG  B 1 7 ? -0.626  10.995  8.704   1.00 21.12 ? 7   DG  B OP1   1 
ATOM   280 O  OP2   . DG  B 1 7 ? 0.228   8.656   9.302   1.00 20.50 ? 7   DG  B OP2   1 
ATOM   281 O  "O5'" . DG  B 1 7 ? -1.945  8.960   8.115   1.00 18.03 ? 7   DG  B "O5'" 1 
ATOM   282 C  "C5'" . DG  B 1 7 ? -2.904  9.689   7.333   1.00 17.18 ? 7   DG  B "C5'" 1 
ATOM   283 C  "C4'" . DG  B 1 7 ? -4.226  8.962   7.347   1.00 15.60 ? 7   DG  B "C4'" 1 
ATOM   284 O  "O4'" . DG  B 1 7 ? -4.050  7.675   6.709   1.00 15.18 ? 7   DG  B "O4'" 1 
ATOM   285 C  "C3'" . DG  B 1 7 ? -4.775  8.670   8.748   1.00 16.40 ? 7   DG  B "C3'" 1 
ATOM   286 O  "O3'" . DG  B 1 7 ? -6.193  8.862   8.789   1.00 18.77 ? 7   DG  B "O3'" 1 
ATOM   287 C  "C2'" . DG  B 1 7 ? -4.441  7.204   8.953   1.00 15.32 ? 7   DG  B "C2'" 1 
ATOM   288 C  "C1'" . DG  B 1 7 ? -4.608  6.681   7.543   1.00 14.23 ? 7   DG  B "C1'" 1 
ATOM   289 N  N9    . DG  B 1 7 ? -3.946  5.414   7.255   1.00 13.36 ? 7   DG  B N9    1 
ATOM   290 C  C8    . DG  B 1 7 ? -2.693  5.011   7.648   1.00 13.61 ? 7   DG  B C8    1 
ATOM   291 N  N7    . DG  B 1 7 ? -2.399  3.800   7.259   1.00 12.81 ? 7   DG  B N7    1 
ATOM   292 C  C5    . DG  B 1 7 ? -3.534  3.372   6.584   1.00 12.27 ? 7   DG  B C5    1 
ATOM   293 C  C6    . DG  B 1 7 ? -3.816  2.132   5.953   1.00 11.45 ? 7   DG  B C6    1 
ATOM   294 O  O6    . DG  B 1 7 ? -3.092  1.137   5.851   1.00 11.99 ? 7   DG  B O6    1 
ATOM   295 N  N1    . DG  B 1 7 ? -5.090  2.122   5.392   1.00 11.34 ? 7   DG  B N1    1 
ATOM   296 C  C2    . DG  B 1 7 ? -5.979  3.170   5.436   1.00 10.47 ? 7   DG  B C2    1 
ATOM   297 N  N2    . DG  B 1 7 ? -7.160  2.974   4.834   1.00 12.57 ? 7   DG  B N2    1 
ATOM   298 N  N3    . DG  B 1 7 ? -5.729  4.325   6.025   1.00 11.54 ? 7   DG  B N3    1 
ATOM   299 C  C4    . DG  B 1 7 ? -4.498  4.356   6.577   1.00 12.61 ? 7   DG  B C4    1 
ATOM   300 P  P     . DC  B 1 8 ? -6.945  9.100   10.188  1.00 20.48 ? 8   DC  B P     1 
ATOM   301 O  OP1   . DC  B 1 8 ? -7.412  10.508  10.227  1.00 22.13 ? 8   DC  B OP1   1 
ATOM   302 O  OP2   . DC  B 1 8 ? -6.084  8.581   11.281  1.00 21.67 ? 8   DC  B OP2   1 
ATOM   303 O  "O5'" . DC  B 1 8 ? -8.223  8.157   10.068  1.00 18.96 ? 8   DC  B "O5'" 1 
ATOM   304 C  "C5'" . DC  B 1 8 ? -9.290  8.471   9.157   1.00 19.38 ? 8   DC  B "C5'" 1 
ATOM   305 C  "C4'" . DC  B 1 8 ? -10.042 7.218   8.770   1.00 17.48 ? 8   DC  B "C4'" 1 
ATOM   306 O  "O4'" . DC  B 1 8 ? -9.189  6.355   7.990   1.00 16.95 ? 8   DC  B "O4'" 1 
ATOM   307 C  "C3'" . DC  B 1 8 ? -10.511 6.350   9.934   1.00 17.36 ? 8   DC  B "C3'" 1 
ATOM   308 O  "O3'" . DC  B 1 8 ? -11.771 6.795   10.444  1.00 19.11 ? 8   DC  B "O3'" 1 
ATOM   309 C  "C2'" . DC  B 1 8 ? -10.624 4.977   9.300   1.00 16.33 ? 8   DC  B "C2'" 1 
ATOM   310 C  "C1'" . DC  B 1 8 ? -9.581  4.998   8.183   1.00 15.35 ? 8   DC  B "C1'" 1 
ATOM   311 N  N1    . DC  B 1 8 ? -8.372  4.203   8.461   1.00 13.87 ? 8   DC  B N1    1 
ATOM   312 C  C2    . DC  B 1 8 ? -8.336  2.864   8.049   1.00 13.05 ? 8   DC  B C2    1 
ATOM   313 O  O2    . DC  B 1 8 ? -9.321  2.390   7.464   1.00 13.76 ? 8   DC  B O2    1 
ATOM   314 N  N3    . DC  B 1 8 ? -7.230  2.124   8.298   1.00 12.26 ? 8   DC  B N3    1 
ATOM   315 C  C4    . DC  B 1 8 ? -6.193  2.670   8.939   1.00 12.68 ? 8   DC  B C4    1 
ATOM   316 N  N4    . DC  B 1 8 ? -5.120  1.907   9.159   1.00 12.28 ? 8   DC  B N4    1 
ATOM   317 C  C5    . DC  B 1 8 ? -6.209  4.024   9.382   1.00 12.74 ? 8   DC  B C5    1 
ATOM   318 C  C6    . DC  B 1 8 ? -7.305  4.748   9.125   1.00 13.85 ? 8   DC  B C6    1 
HETATM 319 HG HG    . HG  C 2 . ? 3.112   -0.201  -3.405  0.80 9.26  ? 101 HG  A HG    1 
HETATM 320 HG HG    . HG  D 2 . ? -1.930  1.999   3.383   0.80 10.06 ? 101 HG  B HG    1 
HETATM 321 C  C1    . PDO E 3 . ? 9.045   -7.299  6.878   1.00 15.34 ? 102 PDO B C1    1 
HETATM 322 O  O1    . PDO E 3 . ? 7.810   -6.681  6.552   1.00 16.53 ? 102 PDO B O1    1 
HETATM 323 C  C2    . PDO E 3 . ? 9.799   -7.573  5.594   1.00 15.45 ? 102 PDO B C2    1 
HETATM 324 C  C3    . PDO E 3 . ? 11.135  -8.262  5.864   1.00 14.51 ? 102 PDO B C3    1 
HETATM 325 O  O3    . PDO E 3 . ? 11.675  -8.696  4.607   1.00 13.12 ? 102 PDO B O3    1 
HETATM 326 O  O     . HOH F 4 . ? -9.004  4.816   -7.800  1.00 17.57 ? 201 HOH A O     1 
HETATM 327 O  O     . HOH F 4 . ? -2.607  -1.373  8.708   1.00 22.32 ? 202 HOH A O     1 
HETATM 328 O  O     . HOH F 4 . ? 7.921   -7.644  -6.067  1.00 18.49 ? 203 HOH A O     1 
HETATM 329 O  O     . HOH F 4 . ? -11.970 -1.607  -3.454  1.00 19.35 ? 204 HOH A O     1 
HETATM 330 O  O     . HOH F 4 . ? -4.905  -2.560  -0.389  1.00 18.69 ? 205 HOH A O     1 
HETATM 331 O  O     . HOH F 4 . ? -10.361 1.694   3.092   1.00 14.01 ? 206 HOH A O     1 
HETATM 332 O  O     . HOH F 4 . ? -4.220  -4.916  0.328   1.00 22.72 ? 207 HOH A O     1 
HETATM 333 O  O     . HOH F 4 . ? -8.401  -0.460  -5.699  1.00 19.38 ? 208 HOH A O     1 
HETATM 334 O  O     . HOH F 4 . ? -11.059 2.434   -5.640  1.00 12.60 ? 209 HOH A O     1 
HETATM 335 O  O     . HOH F 4 . ? -0.010  -0.783  -2.788  1.00 17.92 ? 210 HOH A O     1 
HETATM 336 O  O     . HOH F 4 . ? -1.615  1.541   -4.158  1.00 15.60 ? 211 HOH A O     1 
HETATM 337 O  O     . HOH F 4 . ? -2.586  -1.982  1.594   1.00 20.44 ? 212 HOH A O     1 
HETATM 338 O  O     . HOH F 4 . ? -5.461  -0.125  -3.188  1.00 16.23 ? 213 HOH A O     1 
HETATM 339 O  O     . HOH F 4 . ? -2.251  -3.775  4.834   1.00 25.85 ? 214 HOH A O     1 
HETATM 340 O  O     . HOH F 4 . ? -0.377  -1.422  -5.769  1.00 18.46 ? 215 HOH A O     1 
HETATM 341 O  O     . HOH F 4 . ? -2.840  -1.197  -1.352  1.00 22.22 ? 216 HOH A O     1 
HETATM 342 O  O     . HOH F 4 . ? 3.048   11.369  -7.469  1.00 24.24 ? 217 HOH A O     1 
HETATM 343 O  O     . HOH F 4 . ? 6.957   -8.723  -9.453  1.00 19.17 ? 218 HOH A O     1 
HETATM 344 O  O     . HOH F 4 . ? -2.442  -4.159  7.682   1.00 27.28 ? 219 HOH A O     1 
HETATM 345 O  O     . HOH F 4 . ? 2.807   4.119   -9.494  1.00 21.41 ? 220 HOH A O     1 
HETATM 346 O  O     . HOH F 4 . ? -5.862  -4.080  -3.997  1.00 26.29 ? 221 HOH A O     1 
HETATM 347 O  O     . HOH F 4 . ? 9.422   -3.892  -5.853  1.00 21.73 ? 222 HOH A O     1 
HETATM 348 O  O     . HOH F 4 . ? -4.670  -7.674  8.398   1.00 20.32 ? 223 HOH A O     1 
HETATM 349 O  O     . HOH F 4 . ? 1.140   0.558   -8.483  1.00 21.94 ? 224 HOH A O     1 
HETATM 350 O  O     . HOH F 4 . ? -11.393 3.435   1.042   1.00 15.66 ? 225 HOH A O     1 
HETATM 351 O  O     . HOH F 4 . ? -5.512  9.737   -5.535  1.00 33.31 ? 226 HOH A O     1 
HETATM 352 O  O     . HOH F 4 . ? 6.902   -2.014  -12.684 1.00 27.77 ? 227 HOH A O     1 
HETATM 353 O  O     . HOH F 4 . ? -1.617  0.732   -7.224  1.00 20.44 ? 228 HOH A O     1 
HETATM 354 O  O     . HOH F 4 . ? -4.209  8.726   0.649   1.00 22.58 ? 229 HOH A O     1 
HETATM 355 O  O     . HOH F 4 . ? -6.979  -9.466  8.722   1.00 17.13 ? 230 HOH A O     1 
HETATM 356 O  O     . HOH F 4 . ? -12.950 -2.852  -1.230  1.00 20.97 ? 231 HOH A O     1 
HETATM 357 O  O     . HOH F 4 . ? -12.803 -0.958  0.447   1.00 19.86 ? 232 HOH A O     1 
HETATM 358 O  O     . HOH F 4 . ? -12.784 1.571   -0.836  1.00 16.10 ? 233 HOH A O     1 
HETATM 359 O  O     . HOH F 4 . ? -12.421 1.208   -3.572  1.00 14.75 ? 234 HOH A O     1 
HETATM 360 O  O     . HOH F 4 . ? -12.537 -0.122  3.128   1.00 15.54 ? 235 HOH A O     1 
HETATM 361 O  O     . HOH F 4 . ? -14.986 1.566   3.131   1.00 25.74 ? 236 HOH A O     1 
HETATM 362 O  O     . HOH G 4 . ? 6.977   -8.989  4.865   1.00 20.61 ? 201 HOH B O     1 
HETATM 363 O  O     . HOH G 4 . ? -0.807  -0.201  6.930   1.00 23.81 ? 202 HOH B O     1 
HETATM 364 O  O     . HOH G 4 . ? -0.036  -12.791 1.129   1.00 21.71 ? 203 HOH B O     1 
HETATM 365 O  O     . HOH G 4 . ? -0.333  6.071   9.319   1.00 24.04 ? 204 HOH B O     1 
HETATM 366 O  O     . HOH G 4 . ? 4.024   -4.515  2.868   1.00 18.05 ? 205 HOH B O     1 
HETATM 367 O  O     . HOH G 4 . ? 7.584   0.715   -2.882  1.00 14.67 ? 206 HOH B O     1 
HETATM 368 O  O     . HOH G 4 . ? -10.960 8.373   12.562  1.00 28.50 ? 207 HOH B O     1 
HETATM 369 O  O     . HOH G 4 . ? 7.963   4.356   0.243   1.00 15.53 ? 208 HOH B O     1 
HETATM 370 O  O     . HOH G 4 . ? 3.075   -11.476 -5.532  1.00 16.34 ? 209 HOH B O     1 
HETATM 371 O  O     . HOH G 4 . ? 1.900   -5.722  0.498   1.00 19.16 ? 210 HOH B O     1 
HETATM 372 O  O     . HOH G 4 . ? 7.863   -6.561  -3.544  1.00 18.05 ? 211 HOH B O     1 
HETATM 373 O  O     . HOH G 4 . ? -0.731  1.958   8.660   1.00 23.24 ? 212 HOH B O     1 
HETATM 374 O  O     . HOH G 4 . ? -1.339  -3.536  -7.375  1.00 23.75 ? 213 HOH B O     1 
HETATM 375 O  O     . HOH G 4 . ? 2.493   -0.717  4.183   1.00 17.78 ? 214 HOH B O     1 
HETATM 376 O  O     . HOH G 4 . ? 4.889   -1.802  5.276   1.00 21.68 ? 215 HOH B O     1 
HETATM 377 O  O     . HOH G 4 . ? 1.662   -2.955  1.671   1.00 21.38 ? 216 HOH B O     1 
HETATM 378 O  O     . HOH G 4 . ? 1.451   -0.659  7.120   1.00 25.92 ? 217 HOH B O     1 
HETATM 379 O  O     . HOH G 4 . ? -2.959  -9.781  2.424   1.00 24.85 ? 218 HOH B O     1 
HETATM 380 O  O     . HOH G 4 . ? 2.176   5.218   9.670   1.00 26.02 ? 219 HOH B O     1 
HETATM 381 O  O     . HOH G 4 . ? 1.162   -8.757  3.234   1.00 20.76 ? 220 HOH B O     1 
HETATM 382 O  O     . HOH G 4 . ? 10.366  -1.477  -1.010  1.00 18.69 ? 221 HOH B O     1 
HETATM 383 O  O     . HOH G 4 . ? -1.835  -3.623  -3.690  1.00 27.95 ? 222 HOH B O     1 
HETATM 384 O  O     . HOH G 4 . ? -0.413  -0.852  3.356   1.00 21.47 ? 223 HOH B O     1 
HETATM 385 O  O     . HOH G 4 . ? -1.395  -13.996 -1.168  1.00 25.70 ? 224 HOH B O     1 
HETATM 386 O  O     . HOH G 4 . ? 0.817   -14.082 -2.811  1.00 23.03 ? 225 HOH B O     1 
HETATM 387 O  O     . HOH G 4 . ? 5.722   -10.646 6.995   1.00 25.23 ? 226 HOH B O     1 
# 
loop_
_atom_site_anisotrop.id 
_atom_site_anisotrop.type_symbol 
_atom_site_anisotrop.pdbx_label_atom_id 
_atom_site_anisotrop.pdbx_label_alt_id 
_atom_site_anisotrop.pdbx_label_comp_id 
_atom_site_anisotrop.pdbx_label_asym_id 
_atom_site_anisotrop.pdbx_label_seq_id 
_atom_site_anisotrop.pdbx_PDB_ins_code 
_atom_site_anisotrop.U[1][1] 
_atom_site_anisotrop.U[2][2] 
_atom_site_anisotrop.U[3][3] 
_atom_site_anisotrop.U[1][2] 
_atom_site_anisotrop.U[1][3] 
_atom_site_anisotrop.U[2][3] 
_atom_site_anisotrop.pdbx_auth_seq_id 
_atom_site_anisotrop.pdbx_auth_comp_id 
_atom_site_anisotrop.pdbx_auth_asym_id 
_atom_site_anisotrop.pdbx_auth_atom_id 
1   O  "O5'" . DG  A 1 ? 0.2046 0.2028 0.2143 0.0028  0.0073  -0.0016 1   DG  A "O5'" 
2   C  "C5'" . DG  A 1 ? 0.1946 0.1598 0.1876 0.0158  0.0082  -0.0013 1   DG  A "C5'" 
3   C  "C4'" . DG  A 1 ? 0.1731 0.1380 0.1648 -0.0045 0.0117  0.0063  1   DG  A "C4'" 
4   O  "O4'" . DG  A 1 ? 0.1551 0.1206 0.1613 -0.0034 0.0169  0.0141  1   DG  A "O4'" 
5   C  "C3'" . DG  A 1 ? 0.1594 0.1368 0.1650 0.0000  0.0178  0.0069  1   DG  A "C3'" 
6   O  "O3'" . DG  A 1 ? 0.1655 0.1265 0.1710 -0.0207 0.0216  0.0082  1   DG  A "O3'" 
7   C  "C2'" . DG  A 1 ? 0.1456 0.1445 0.1586 -0.0040 0.0141  0.0038  1   DG  A "C2'" 
8   C  "C1'" . DG  A 1 ? 0.1368 0.1186 0.1578 -0.0083 0.0151  0.0085  1   DG  A "C1'" 
9   N  N9    . DG  A 1 ? 0.1252 0.1158 0.1487 -0.0046 0.0187  0.0102  1   DG  A N9    
10  C  C8    . DG  A 1 ? 0.1253 0.1278 0.1546 -0.0079 0.0149  0.0070  1   DG  A C8    
11  N  N7    . DG  A 1 ? 0.1177 0.1299 0.1561 -0.0097 0.0186  0.0084  1   DG  A N7    
12  C  C5    . DG  A 1 ? 0.1131 0.1253 0.1492 -0.0132 0.0232  0.0056  1   DG  A C5    
13  C  C6    . DG  A 1 ? 0.1073 0.1244 0.1507 -0.0135 0.0231  0.0075  1   DG  A C6    
14  O  O6    . DG  A 1 ? 0.1102 0.1308 0.1675 -0.0199 0.0226  0.0052  1   DG  A O6    
15  N  N1    . DG  A 1 ? 0.1123 0.1256 0.1443 -0.0081 0.0237  0.0068  1   DG  A N1    
16  C  C2    . DG  A 1 ? 0.1178 0.1098 0.1425 -0.0047 0.0169  0.0070  1   DG  A C2    
17  N  N2    . DG  A 1 ? 0.1145 0.1212 0.1434 -0.0023 0.0150  0.0094  1   DG  A N2    
18  N  N3    . DG  A 1 ? 0.1134 0.1089 0.1416 -0.0070 0.0213  0.0074  1   DG  A N3    
19  C  C4    . DG  A 1 ? 0.1102 0.1166 0.1447 -0.0070 0.0233  0.0048  1   DG  A C4    
20  P  P     . DC  A 2 ? 0.1780 0.1368 0.1821 -0.0106 0.0412  -0.0018 2   DC  A P     
21  O  OP1   . DC  A 2 ? 0.2003 0.1569 0.1893 -0.0096 0.0347  -0.0141 2   DC  A OP1   
22  O  OP2   . DC  A 2 ? 0.1761 0.1597 0.1836 -0.0121 0.0447  0.0080  2   DC  A OP2   
23  O  "O5'" . DC  A 2 ? 0.1551 0.1458 0.1626 -0.0095 0.0337  0.0053  2   DC  A "O5'" 
24  C  "C5'" . DC  A 2 ? 0.1668 0.1513 0.1617 -0.0068 0.0082  0.0008  2   DC  A "C5'" 
25  C  "C4'" . DC  A 2 ? 0.1487 0.1484 0.1496 -0.0092 0.0114  0.0093  2   DC  A "C4'" 
26  O  "O4'" . DC  A 2 ? 0.1486 0.1377 0.1479 -0.0156 0.0148  0.0114  2   DC  A "O4'" 
27  C  "C3'" . DC  A 2 ? 0.1474 0.1479 0.1520 -0.0107 0.0144  0.0071  2   DC  A "C3'" 
28  O  "O3'" . DC  A 2 ? 0.1649 0.1635 0.1482 -0.0169 0.0197  0.0168  2   DC  A "O3'" 
29  C  "C2'" . DC  A 2 ? 0.1514 0.1484 0.1506 -0.0032 0.0072  0.0085  2   DC  A "C2'" 
30  C  "C1'" . DC  A 2 ? 0.1381 0.1365 0.1502 -0.0110 0.0109  0.0076  2   DC  A "C1'" 
31  N  N1    . DC  A 2 ? 0.1313 0.1230 0.1412 -0.0195 0.0204  0.0127  2   DC  A N1    
32  C  C2    . DC  A 2 ? 0.1367 0.1153 0.1385 -0.0114 0.0255  0.0136  2   DC  A C2    
33  O  O2    . DC  A 2 ? 0.1385 0.1126 0.1603 -0.0127 0.0357  0.0145  2   DC  A O2    
34  N  N3    . DC  A 2 ? 0.1350 0.1255 0.1398 -0.0240 0.0301  0.0127  2   DC  A N3    
35  C  C4    . DC  A 2 ? 0.1365 0.1302 0.1445 -0.0203 0.0193  0.0087  2   DC  A C4    
36  N  N4    . DC  A 2 ? 0.1372 0.1264 0.1480 -0.0073 0.0144  0.0099  2   DC  A N4    
37  C  C5    . DC  A 2 ? 0.1299 0.1210 0.1444 -0.0105 0.0171  0.0123  2   DC  A C5    
38  C  C6    . DC  A 2 ? 0.1285 0.1248 0.1420 -0.0192 0.0194  0.0129  2   DC  A C6    
39  P  P     . DC  A 3 ? 0.1729 0.1538 0.1575 -0.0265 0.0202  0.0203  3   DC  A P     
40  O  OP1   . DC  A 3 ? 0.2044 0.1815 0.1526 -0.0309 0.0165  0.0139  3   DC  A OP1   
41  O  OP2   . DC  A 3 ? 0.1706 0.1785 0.1719 -0.0228 0.0290  0.0188  3   DC  A OP2   
42  O  "O5'" . DC  A 3 ? 0.1493 0.1483 0.1469 -0.0077 0.0121  0.0223  3   DC  A "O5'" 
43  C  "C5'" . DC  A 3 ? 0.1500 0.1453 0.1507 -0.0082 0.0004  0.0077  3   DC  A "C5'" 
44  C  "C4'" . DC  A 3 ? 0.1316 0.1399 0.1506 -0.0081 0.0069  0.0142  3   DC  A "C4'" 
45  O  "O4'" . DC  A 3 ? 0.1229 0.1272 0.1466 -0.0156 0.0152  0.0187  3   DC  A "O4'" 
46  C  "C3'" . DC  A 3 ? 0.1285 0.1453 0.1484 -0.0066 0.0049  0.0187  3   DC  A "C3'" 
47  O  "O3'" . DC  A 3 ? 0.1370 0.1696 0.1583 -0.0132 -0.0002 0.0343  3   DC  A "O3'" 
48  C  "C2'" . DC  A 3 ? 0.1381 0.1401 0.1466 -0.0009 0.0068  0.0186  3   DC  A "C2'" 
49  C  "C1'" . DC  A 3 ? 0.1156 0.1211 0.1439 -0.0071 0.0134  0.0106  3   DC  A "C1'" 
50  N  N1    . DC  A 3 ? 0.1089 0.1194 0.1482 -0.0118 0.0172  0.0157  3   DC  A N1    
51  C  C2    . DC  A 3 ? 0.1088 0.1281 0.1564 -0.0120 0.0125  0.0153  3   DC  A C2    
52  O  O2    . DC  A 3 ? 0.1222 0.1272 0.1858 -0.0128 0.0108  0.0184  3   DC  A O2    
53  N  N3    . DC  A 3 ? 0.1072 0.1244 0.1555 -0.0114 0.0172  0.0188  3   DC  A N3    
54  C  C4    . DC  A 3 ? 0.1077 0.1256 0.1434 -0.0140 0.0224  0.0134  3   DC  A C4    
55  N  N4    . DC  A 3 ? 0.1115 0.1192 0.1467 -0.0156 0.0150  0.0106  3   DC  A N4    
56  C  C5    . DC  A 3 ? 0.1109 0.1183 0.1393 -0.0148 0.0208  0.0156  3   DC  A C5    
57  C  C6    . DC  A 3 ? 0.1107 0.1170 0.1432 -0.0165 0.0162  0.0145  3   DC  A C6    
58  P  P     . DC  A 4 ? 0.1339 0.1805 0.1547 -0.0250 -0.0035 0.0363  4   DC  A P     
59  O  OP1   . DC  A 4 ? 0.1574 0.1961 0.1665 -0.0185 -0.0161 0.0393  4   DC  A OP1   
60  O  OP2   . DC  A 4 ? 0.1742 0.1787 0.1660 -0.0192 0.0009  0.0267  4   DC  A OP2   
61  O  "O5'" . DC  A 4 ? 0.1271 0.1702 0.1604 -0.0124 -0.0080 0.0228  4   DC  A "O5'" 
62  C  "C5'" . DC  A 4 ? 0.1398 0.1704 0.1618 -0.0074 -0.0027 0.0175  4   DC  A "C5'" 
63  C  "C4'" . DC  A 4 ? 0.1311 0.1555 0.1629 -0.0041 0.0021  0.0190  4   DC  A "C4'" 
64  O  "O4'" . DC  A 4 ? 0.1082 0.1533 0.1612 -0.0107 0.0065  0.0182  4   DC  A "O4'" 
65  C  "C3'" . DC  A 4 ? 0.1306 0.1510 0.1580 -0.0069 0.0028  0.0211  4   DC  A "C3'" 
66  O  "O3'" . DC  A 4 ? 0.1466 0.1921 0.1705 -0.0143 -0.0055 0.0449  4   DC  A "O3'" 
67  C  "C2'" . DC  A 4 ? 0.1246 0.1449 0.1538 -0.0117 0.0093  0.0223  4   DC  A "C2'" 
68  C  "C1'" . DC  A 4 ? 0.1088 0.1408 0.1380 -0.0067 0.0069  0.0087  4   DC  A "C1'" 
69  N  N1    . DC  A 4 ? 0.1010 0.1450 0.1400 -0.0092 0.0060  0.0177  4   DC  A N1    
70  C  C2    . DC  A 4 ? 0.0916 0.1477 0.1339 -0.0034 0.0137  0.0141  4   DC  A C2    
71  O  O2    . DC  A 4 ? 0.0950 0.1527 0.1498 -0.0137 0.0151  0.0144  4   DC  A O2    
72  N  N3    . DC  A 4 ? 0.0903 0.1443 0.1296 -0.0121 0.0151  0.0224  4   DC  A N3    
73  C  C4    . DC  A 4 ? 0.1018 0.1464 0.1322 -0.0064 0.0134  0.0110  4   DC  A C4    
74  N  N4    . DC  A 4 ? 0.1137 0.1392 0.1316 -0.0097 0.0086  0.0083  4   DC  A N4    
75  C  C5    . DC  A 4 ? 0.1007 0.1402 0.1360 -0.0141 0.0096  0.0108  4   DC  A C5    
76  C  C6    . DC  A 4 ? 0.1090 0.1480 0.1442 -0.0089 0.0076  0.0123  4   DC  A C6    
77  P  P     . DG  A 5 ? 0.1364 0.2272 0.1685 -0.0367 0.0045  0.0503  5   DG  A P     
78  O  OP1   . DG  A 5 ? 0.1774 0.2363 0.1712 -0.0280 -0.0002 0.0529  5   DG  A OP1   
79  O  OP2   . DG  A 5 ? 0.1738 0.2312 0.1948 -0.0322 -0.0045 0.0259  5   DG  A OP2   
80  O  "O5'" . DG  A 5 ? 0.1364 0.1645 0.1612 -0.0246 0.0074  0.0385  5   DG  A "O5'" 
81  C  "C5'" . DG  A 5 ? 0.1309 0.1602 0.1667 -0.0067 0.0018  0.0226  5   DG  A "C5'" 
82  C  "C4'" . DG  A 5 ? 0.1311 0.1310 0.1541 -0.0109 0.0046  0.0294  5   DG  A "C4'" 
83  O  "O4'" . DG  A 5 ? 0.1170 0.1150 0.1533 -0.0067 0.0070  0.0261  5   DG  A "O4'" 
84  C  "C3'" . DG  A 5 ? 0.1306 0.1285 0.1506 -0.0127 0.0043  0.0272  5   DG  A "C3'" 
85  O  "O3'" . DG  A 5 ? 0.1331 0.1418 0.1774 -0.0247 0.0018  0.0455  5   DG  A "O3'" 
86  C  "C2'" . DG  A 5 ? 0.1212 0.1255 0.1478 -0.0061 0.0095  0.0205  5   DG  A "C2'" 
87  C  "C1'" . DG  A 5 ? 0.1166 0.1072 0.1336 -0.0098 -0.0002 0.0132  5   DG  A "C1'" 
88  N  N9    . DG  A 5 ? 0.1077 0.1091 0.1314 -0.0105 0.0073  0.0151  5   DG  A N9    
89  C  C8    . DG  A 5 ? 0.1048 0.1159 0.1326 -0.0119 0.0078  0.0147  5   DG  A C8    
90  N  N7    . DG  A 5 ? 0.1015 0.1170 0.1326 -0.0135 0.0087  0.0162  5   DG  A N7    
91  C  C5    . DG  A 5 ? 0.1017 0.1094 0.1287 -0.0119 0.0089  0.0133  5   DG  A C5    
92  C  C6    . DG  A 5 ? 0.0942 0.1064 0.1241 -0.0173 0.0068  0.0115  5   DG  A C6    
93  O  O6    . DG  A 5 ? 0.0971 0.1030 0.1364 -0.0140 0.0056  0.0085  5   DG  A O6    
94  N  N1    . DG  A 5 ? 0.0933 0.1003 0.1220 -0.0105 0.0043  0.0075  5   DG  A N1    
95  C  C2    . DG  A 5 ? 0.1017 0.0997 0.1262 -0.0103 0.0067  0.0040  5   DG  A C2    
96  N  N2    . DG  A 5 ? 0.1023 0.1112 0.1289 -0.0004 0.0048  0.0027  5   DG  A N2    
97  N  N3    . DG  A 5 ? 0.1005 0.1060 0.1293 -0.0118 0.0087  0.0124  5   DG  A N3    
98  C  C4    . DG  A 5 ? 0.1022 0.1081 0.1286 -0.0115 0.0083  0.0125  5   DG  A C4    
99  P  P     . DT  A 6 ? 0.1421 0.1673 0.1649 -0.0315 0.0061  0.0559  6   DT  A P     
100 O  OP1   . DT  A 6 ? 0.1487 0.1765 0.1756 -0.0371 0.0065  0.0624  6   DT  A OP1   
101 O  OP2   . DT  A 6 ? 0.1491 0.1807 0.1713 -0.0341 0.0003  0.0463  6   DT  A OP2   
102 O  "O5'" . DT  A 6 ? 0.1294 0.1603 0.1487 -0.0287 0.0075  0.0281  6   DT  A "O5'" 
103 C  "C5'" . DT  A 6 ? 0.1307 0.1443 0.1496 -0.0129 0.0046  0.0018  6   DT  A "C5'" 
104 C  "C4'" . DT  A 6 ? 0.1345 0.1373 0.1444 -0.0141 0.0117  0.0069  6   DT  A "C4'" 
105 O  "O4'" . DT  A 6 ? 0.1131 0.1203 0.1528 -0.0192 0.0100  0.0062  6   DT  A "O4'" 
106 C  "C3'" . DT  A 6 ? 0.1320 0.1455 0.1452 -0.0076 0.0113  0.0027  6   DT  A "C3'" 
107 O  "O3'" . DT  A 6 ? 0.1407 0.1697 0.1606 -0.0176 0.0216  0.0002  6   DT  A "O3'" 
108 C  "C2'" . DT  A 6 ? 0.1264 0.1366 0.1487 -0.0088 0.0129  0.0010  6   DT  A "C2'" 
109 C  "C1'" . DT  A 6 ? 0.1126 0.1248 0.1380 -0.0104 0.0032  0.0039  6   DT  A "C1'" 
110 N  N1    . DT  A 6 ? 0.1158 0.1193 0.1370 -0.0103 0.0040  0.0048  6   DT  A N1    
111 C  C2    . DT  A 6 ? 0.1170 0.1203 0.1361 -0.0094 0.0053  0.0060  6   DT  A C2    
112 O  O2    . DT  A 6 ? 0.1293 0.1384 0.1310 0.0030  0.0066  0.0130  6   DT  A O2    
113 N  N3    . DT  A 6 ? 0.1136 0.1152 0.1324 -0.0055 0.0031  0.0075  6   DT  A N3    
114 C  C4    . DT  A 6 ? 0.1114 0.1123 0.1352 -0.0074 0.0014  0.0080  6   DT  A C4    
115 O  O4    . DT  A 6 ? 0.1214 0.1124 0.1469 -0.0138 -0.0034 0.0079  6   DT  A O4    
116 C  C5    . DT  A 6 ? 0.1205 0.1157 0.1360 -0.0086 0.0037  0.0107  6   DT  A C5    
117 C  C7    . DT  A 6 ? 0.1256 0.1267 0.1347 -0.0021 0.0012  0.0054  6   DT  A C7    
118 C  C6    . DT  A 6 ? 0.1194 0.1229 0.1337 -0.0101 0.0028  0.0043  6   DT  A C6    
119 P  P     . DG  A 7 ? 0.1757 0.2119 0.1628 -0.0021 0.0253  -0.0081 7   DG  A P     
120 O  OP1   . DG  A 7 ? 0.2069 0.2117 0.1655 -0.0066 0.0313  0.0044  7   DG  A OP1   
121 O  OP2   . DG  A 7 ? 0.1878 0.2506 0.1849 -0.0023 0.0069  -0.0115 7   DG  A OP2   
122 O  "O5'" . DG  A 7 ? 0.1882 0.1951 0.1721 -0.0204 0.0269  -0.0020 7   DG  A "O5'" 
123 C  "C5'" . DG  A 7 ? 0.2048 0.1763 0.1874 -0.0054 0.0094  0.0021  7   DG  A "C5'" 
124 C  "C4'" . DG  A 7 ? 0.2118 0.1771 0.2013 -0.0038 0.0088  0.0076  7   DG  A "C4'" 
125 O  "O4'" . DG  A 7 ? 0.2493 0.1658 0.1876 -0.0137 0.0193  0.0085  7   DG  A "O4'" 
126 C  "C3'" . DG  A 7 ? 0.2488 0.1995 0.2172 -0.0077 0.0188  -0.0082 7   DG  A "C3'" 
127 O  "O3'" . DG  A 7 ? 0.2807 0.2124 0.2756 0.0121  0.0291  -0.0090 7   DG  A "O3'" 
128 C  "C2'" . DG  A 7 ? 0.2419 0.1995 0.2024 -0.0009 0.0091  0.0069  7   DG  A "C2'" 
129 C  "C1'" . DG  A 7 ? 0.2388 0.1734 0.1997 -0.0060 0.0115  -0.0019 7   DG  A "C1'" 
130 N  N9    . DG  A 7 ? 0.2346 0.1641 0.1846 -0.0051 0.0050  -0.0034 7   DG  A N9    
131 C  C8    . DG  A 7 ? 0.2369 0.1632 0.1859 -0.0009 0.0063  -0.0169 7   DG  A C8    
132 N  N7    . DG  A 7 ? 0.2364 0.1557 0.1622 0.0126  0.0072  -0.0060 7   DG  A N7    
133 C  C5    . DG  A 7 ? 0.2251 0.1396 0.1535 -0.0012 0.0020  -0.0137 7   DG  A C5    
134 C  C6    . DG  A 7 ? 0.2110 0.1373 0.1418 0.0087  -0.0048 -0.0104 7   DG  A C6    
135 O  O6    . DG  A 7 ? 0.2137 0.1483 0.1528 0.0261  -0.0056 -0.0041 7   DG  A O6    
136 N  N1    . DG  A 7 ? 0.1958 0.1384 0.1426 0.0035  -0.0032 -0.0070 7   DG  A N1    
137 C  C2    . DG  A 7 ? 0.1979 0.1478 0.1510 -0.0022 0.0068  -0.0088 7   DG  A C2    
138 N  N2    . DG  A 7 ? 0.1710 0.1551 0.1652 -0.0053 0.0028  -0.0057 7   DG  A N2    
139 N  N3    . DG  A 7 ? 0.2133 0.1480 0.1580 -0.0088 0.0113  -0.0085 7   DG  A N3    
140 C  C4    . DG  A 7 ? 0.2267 0.1587 0.1657 0.0002  0.0055  -0.0100 7   DG  A C4    
141 P  P     . DC  A 8 ? 0.3340 0.2318 0.3118 -0.0046 0.0596  -0.0325 8   DC  A P     
142 O  OP1   . DC  A 8 ? 0.3308 0.2608 0.3462 -0.0039 0.0533  -0.0286 8   DC  A OP1   
143 O  OP2   . DC  A 8 ? 0.3393 0.2425 0.3082 0.0007  0.0526  -0.0339 8   DC  A OP2   
144 O  "O5'" . DC  A 8 ? 0.3039 0.2457 0.2976 0.0036  0.0293  -0.0049 8   DC  A "O5'" 
145 C  "C5'" . DC  A 8 ? 0.2899 0.2575 0.2914 -0.0070 0.0195  -0.0103 8   DC  A "C5'" 
146 C  "C4'" . DC  A 8 ? 0.2615 0.2524 0.2733 0.0067  0.0102  -0.0035 8   DC  A "C4'" 
147 O  "O4'" . DC  A 8 ? 0.2620 0.2193 0.2579 -0.0108 0.0144  -0.0170 8   DC  A "O4'" 
148 C  "C3'" . DC  A 8 ? 0.2620 0.2538 0.2738 -0.0024 0.0129  -0.0031 8   DC  A "C3'" 
149 O  "O3'" . DC  A 8 ? 0.2922 0.2696 0.2935 0.0123  0.0121  0.0083  8   DC  A "O3'" 
150 C  "C2'" . DC  A 8 ? 0.2593 0.2415 0.2439 0.0043  0.0073  -0.0072 8   DC  A "C2'" 
151 C  "C1'" . DC  A 8 ? 0.2387 0.2197 0.2423 -0.0042 0.0056  -0.0051 8   DC  A "C1'" 
152 N  N1    . DC  A 8 ? 0.2302 0.1923 0.2080 -0.0179 -0.0016 -0.0166 8   DC  A N1    
153 C  C2    . DC  A 8 ? 0.2269 0.1712 0.1827 -0.0109 -0.0106 -0.0192 8   DC  A C2    
154 O  O2    . DC  A 8 ? 0.2110 0.1686 0.1832 -0.0203 -0.0029 -0.0137 8   DC  A O2    
155 N  N3    . DC  A 8 ? 0.2203 0.1696 0.1698 -0.0222 -0.0116 -0.0295 8   DC  A N3    
156 C  C4    . DC  A 8 ? 0.2161 0.1780 0.1790 -0.0099 -0.0080 -0.0249 8   DC  A C4    
157 N  N4    . DC  A 8 ? 0.2131 0.1744 0.1759 -0.0111 -0.0054 -0.0127 8   DC  A N4    
158 C  C5    . DC  A 8 ? 0.2260 0.1723 0.1903 -0.0153 -0.0084 -0.0201 8   DC  A C5    
159 C  C6    . DC  A 8 ? 0.2245 0.1910 0.2072 -0.0152 -0.0026 -0.0190 8   DC  A C6    
160 O  "O5'" . DG  B 1 ? 0.2243 0.2586 0.2220 -0.0131 -0.0116 0.0010  1   DG  B "O5'" 
161 C  "C5'" . DG  B 1 ? 0.2135 0.2544 0.2153 -0.0065 -0.0044 -0.0073 1   DG  B "C5'" 
162 C  "C4'" . DG  B 1 ? 0.2016 0.2213 0.1853 -0.0169 -0.0143 -0.0016 1   DG  B "C4'" 
163 O  "O4'" . DG  B 1 ? 0.1907 0.2527 0.1846 -0.0242 -0.0191 -0.0048 1   DG  B "O4'" 
164 C  "C3'" . DG  B 1 ? 0.1940 0.2049 0.1699 -0.0111 -0.0070 0.0003  1   DG  B "C3'" 
165 O  "O3'" . DG  B 1 ? 0.1928 0.2436 0.1625 -0.0314 -0.0123 -0.0050 1   DG  B "O3'" 
166 C  "C2'" . DG  B 1 ? 0.1854 0.2062 0.1787 -0.0077 -0.0116 0.0009  1   DG  B "C2'" 
167 C  "C1'" . DG  B 1 ? 0.1872 0.2273 0.1772 -0.0142 -0.0139 -0.0123 1   DG  B "C1'" 
168 N  N9    . DG  B 1 ? 0.1868 0.2318 0.1728 -0.0115 -0.0161 -0.0105 1   DG  B N9    
169 C  C8    . DG  B 1 ? 0.1882 0.2350 0.1736 -0.0093 -0.0254 -0.0124 1   DG  B C8    
170 N  N7    . DG  B 1 ? 0.1999 0.2346 0.1783 -0.0078 -0.0213 -0.0124 1   DG  B N7    
171 C  C5    . DG  B 1 ? 0.1980 0.2249 0.1647 -0.0083 -0.0265 -0.0134 1   DG  B C5    
172 C  C6    . DG  B 1 ? 0.1924 0.2134 0.1589 -0.0062 -0.0222 -0.0185 1   DG  B C6    
173 O  O6    . DG  B 1 ? 0.2212 0.2221 0.2030 -0.0025 -0.0342 -0.0041 1   DG  B O6    
174 N  N1    . DG  B 1 ? 0.1887 0.1904 0.1510 -0.0123 -0.0170 -0.0081 1   DG  B N1    
175 C  C2    . DG  B 1 ? 0.1854 0.1854 0.1560 -0.0107 -0.0114 -0.0148 1   DG  B C2    
176 N  N2    . DG  B 1 ? 0.1849 0.1602 0.1521 -0.0134 -0.0038 -0.0120 1   DG  B N2    
177 N  N3    . DG  B 1 ? 0.1884 0.2036 0.1423 -0.0189 -0.0108 -0.0146 1   DG  B N3    
178 C  C4    . DG  B 1 ? 0.1895 0.2168 0.1603 -0.0155 -0.0213 -0.0173 1   DG  B C4    
179 P  P     . DC  B 2 ? 0.1751 0.2568 0.1613 -0.0407 -0.0059 -0.0086 2   DC  B P     
180 O  OP1   . DC  B 2 ? 0.2119 0.2648 0.1677 -0.0248 0.0063  -0.0032 2   DC  B OP1   
181 O  OP2   . DC  B 2 ? 0.2195 0.2732 0.1908 -0.0086 0.0068  -0.0106 2   DC  B OP2   
182 O  "O5'" . DC  B 2 ? 0.1686 0.1758 0.1640 -0.0243 -0.0045 -0.0019 2   DC  B "O5'" 
183 C  "C5'" . DC  B 2 ? 0.1656 0.1703 0.1546 -0.0251 -0.0031 0.0025  2   DC  B "C5'" 
184 C  "C4'" . DC  B 2 ? 0.1528 0.1264 0.1424 -0.0075 -0.0092 -0.0032 2   DC  B "C4'" 
185 O  "O4'" . DC  B 2 ? 0.1505 0.1239 0.1407 -0.0131 -0.0078 -0.0046 2   DC  B "O4'" 
186 C  "C3'" . DC  B 2 ? 0.1387 0.1242 0.1353 -0.0036 -0.0064 -0.0016 2   DC  B "C3'" 
187 O  "O3'" . DC  B 2 ? 0.1426 0.1154 0.1364 -0.0067 -0.0046 0.0060  2   DC  B "O3'" 
188 C  "C2'" . DC  B 2 ? 0.1368 0.1293 0.1358 -0.0018 -0.0061 -0.0002 2   DC  B "C2'" 
189 C  "C1'" . DC  B 2 ? 0.1369 0.1245 0.1319 -0.0059 -0.0030 -0.0030 2   DC  B "C1'" 
190 N  N1    . DC  B 2 ? 0.1365 0.1229 0.1381 -0.0101 -0.0120 -0.0022 2   DC  B N1    
191 C  C2    . DC  B 2 ? 0.1526 0.1207 0.1359 -0.0087 -0.0125 0.0007  2   DC  B C2    
192 O  O2    . DC  B 2 ? 0.1583 0.1200 0.1443 0.0087  -0.0024 -0.0048 2   DC  B O2    
193 N  N3    . DC  B 2 ? 0.1502 0.1292 0.1358 -0.0061 -0.0174 0.0031  2   DC  B N3    
194 C  C4    . DC  B 2 ? 0.1499 0.1323 0.1377 -0.0074 -0.0175 -0.0009 2   DC  B C4    
195 N  N4    . DC  B 2 ? 0.1419 0.1381 0.1556 -0.0045 -0.0157 -0.0003 2   DC  B N4    
196 C  C5    . DC  B 2 ? 0.1338 0.1367 0.1404 -0.0079 -0.0159 -0.0007 2   DC  B C5    
197 C  C6    . DC  B 2 ? 0.1358 0.1314 0.1387 -0.0096 -0.0133 -0.0021 2   DC  B C6    
198 P  P     . DC  B 3 ? 0.1504 0.1247 0.1290 -0.0018 -0.0050 0.0070  3   DC  B P     
199 O  OP1   . DC  B 3 ? 0.1640 0.1417 0.1353 0.0015  -0.0041 0.0196  3   DC  B OP1   
200 O  OP2   . DC  B 3 ? 0.1562 0.1409 0.1445 0.0035  0.0025  -0.0019 3   DC  B OP2   
201 O  "O5'" . DC  B 3 ? 0.1382 0.1219 0.1425 -0.0039 -0.0134 -0.0042 3   DC  B "O5'" 
202 C  "C5'" . DC  B 3 ? 0.1373 0.1248 0.1506 -0.0038 -0.0130 -0.0019 3   DC  B "C5'" 
203 C  "C4'" . DC  B 3 ? 0.1396 0.1289 0.1554 -0.0047 -0.0101 0.0018  3   DC  B "C4'" 
204 O  "O4'" . DC  B 3 ? 0.1452 0.1244 0.1550 -0.0050 -0.0066 0.0032  3   DC  B "O4'" 
205 C  "C3'" . DC  B 3 ? 0.1459 0.1257 0.1565 -0.0041 -0.0123 0.0034  3   DC  B "C3'" 
206 O  "O3'" . DC  B 3 ? 0.1780 0.1433 0.1665 0.0013  -0.0274 0.0112  3   DC  B "O3'" 
207 C  "C2'" . DC  B 3 ? 0.1423 0.1281 0.1563 -0.0037 -0.0128 0.0053  3   DC  B "C2'" 
208 C  "C1'" . DC  B 3 ? 0.1443 0.1254 0.1493 -0.0055 -0.0018 0.0053  3   DC  B "C1'" 
209 N  N1    . DC  B 3 ? 0.1433 0.1204 0.1455 -0.0075 -0.0012 0.0049  3   DC  B N1    
210 C  C2    . DC  B 3 ? 0.1457 0.1206 0.1484 -0.0090 -0.0020 0.0058  3   DC  B C2    
211 O  O2    . DC  B 3 ? 0.1472 0.1331 0.1835 -0.0090 0.0041  0.0225  3   DC  B O2    
212 N  N3    . DC  B 3 ? 0.1491 0.1127 0.1381 -0.0085 -0.0029 0.0044  3   DC  B N3    
213 C  C4    . DC  B 3 ? 0.1416 0.1130 0.1263 -0.0049 -0.0033 -0.0032 3   DC  B C4    
214 N  N4    . DC  B 3 ? 0.1413 0.1193 0.1385 -0.0073 -0.0098 -0.0060 3   DC  B N4    
215 C  C5    . DC  B 3 ? 0.1428 0.1118 0.1307 -0.0061 -0.0038 -0.0019 3   DC  B C5    
216 C  C6    . DC  B 3 ? 0.1403 0.1184 0.1388 -0.0063 -0.0021 -0.0029 3   DC  B C6    
217 P  P     . DC  B 4 ? 0.2045 0.1330 0.1553 -0.0148 -0.0332 0.0059  4   DC  B P     
218 O  OP1   . DC  B 4 ? 0.2106 0.1432 0.1613 -0.0005 -0.0352 0.0092  4   DC  B OP1   
219 O  OP2   . DC  B 4 ? 0.2101 0.1577 0.1714 -0.0319 -0.0205 0.0083  4   DC  B OP2   
220 O  "O5'" . DC  B 4 ? 0.1812 0.1341 0.1656 -0.0186 -0.0285 0.0040  4   DC  B "O5'" 
221 C  "C5'" . DC  B 4 ? 0.1696 0.1444 0.1692 -0.0061 -0.0123 -0.0027 4   DC  B "C5'" 
222 C  "C4'" . DC  B 4 ? 0.1644 0.1494 0.1703 -0.0072 -0.0197 0.0002  4   DC  B "C4'" 
223 O  "O4'" . DC  B 4 ? 0.1373 0.1272 0.1717 -0.0009 -0.0208 0.0024  4   DC  B "O4'" 
224 C  "C3'" . DC  B 4 ? 0.1691 0.1426 0.1694 -0.0090 -0.0180 0.0022  4   DC  B "C3'" 
225 O  "O3'" . DC  B 4 ? 0.2241 0.1643 0.1892 -0.0122 -0.0460 -0.0051 4   DC  B "O3'" 
226 C  "C2'" . DC  B 4 ? 0.1475 0.1326 0.1644 -0.0042 -0.0155 -0.0031 4   DC  B "C2'" 
227 C  "C1'" . DC  B 4 ? 0.1207 0.1216 0.1538 -0.0098 -0.0101 0.0069  4   DC  B "C1'" 
228 N  N1    . DC  B 4 ? 0.1196 0.1083 0.1446 -0.0073 -0.0095 0.0069  4   DC  B N1    
229 C  C2    . DC  B 4 ? 0.1199 0.1046 0.1385 -0.0107 -0.0079 0.0079  4   DC  B C2    
230 O  O2    . DC  B 4 ? 0.1185 0.1078 0.1630 -0.0130 -0.0103 0.0167  4   DC  B O2    
231 N  N3    . DC  B 4 ? 0.1151 0.1057 0.1330 -0.0021 -0.0039 0.0025  4   DC  B N3    
232 C  C4    . DC  B 4 ? 0.1188 0.1103 0.1251 -0.0030 -0.0025 0.0046  4   DC  B C4    
233 N  N4    . DC  B 4 ? 0.1212 0.1152 0.1282 -0.0059 -0.0048 0.0021  4   DC  B N4    
234 C  C5    . DC  B 4 ? 0.1188 0.1123 0.1252 -0.0024 -0.0048 0.0019  4   DC  B C5    
235 C  C6    . DC  B 4 ? 0.1217 0.1027 0.1390 -0.0049 -0.0072 0.0016  4   DC  B C6    
236 P  P     . DG  B 5 ? 0.2678 0.1953 0.1909 -0.0104 -0.0336 -0.0093 5   DG  B P     
237 O  OP1   . DG  B 5 ? 0.2675 0.2321 0.2016 -0.0074 -0.0458 -0.0084 5   DG  B OP1   
238 O  OP2   . DG  B 5 ? 0.2802 0.2105 0.2145 -0.0203 -0.0176 0.0141  5   DG  B OP2   
239 O  "O5'" . DG  B 5 ? 0.2071 0.1902 0.1916 -0.0250 -0.0137 -0.0004 5   DG  B "O5'" 
240 C  "C5'" . DG  B 5 ? 0.1748 0.1772 0.1796 -0.0046 -0.0110 -0.0020 5   DG  B "C5'" 
241 C  "C4'" . DG  B 5 ? 0.1557 0.1642 0.1628 -0.0102 -0.0033 -0.0109 5   DG  B "C4'" 
242 O  "O4'" . DG  B 5 ? 0.1217 0.1462 0.1623 -0.0085 -0.0043 -0.0037 5   DG  B "O4'" 
243 C  "C3'" . DG  B 5 ? 0.1557 0.1578 0.1510 -0.0121 -0.0040 -0.0093 5   DG  B "C3'" 
244 O  "O3'" . DG  B 5 ? 0.1746 0.1747 0.1576 -0.0234 0.0016  -0.0218 5   DG  B "O3'" 
245 C  "C2'" . DG  B 5 ? 0.1456 0.1505 0.1516 -0.0087 0.0007  -0.0096 5   DG  B "C2'" 
246 C  "C1'" . DG  B 5 ? 0.1243 0.1366 0.1453 -0.0081 -0.0009 -0.0001 5   DG  B "C1'" 
247 N  N9    . DG  B 5 ? 0.1059 0.1458 0.1368 -0.0046 0.0017  -0.0030 5   DG  B N9    
248 C  C8    . DG  B 5 ? 0.1096 0.1469 0.1432 -0.0030 0.0062  -0.0030 5   DG  B C8    
249 N  N7    . DG  B 5 ? 0.1031 0.1459 0.1309 -0.0004 0.0061  0.0032  5   DG  B N7    
250 C  C5    . DG  B 5 ? 0.0994 0.1356 0.1288 -0.0053 0.0094  0.0035  5   DG  B C5    
251 C  C6    . DG  B 5 ? 0.0955 0.1291 0.1261 -0.0056 0.0136  0.0072  5   DG  B C6    
252 O  O6    . DG  B 5 ? 0.0912 0.1379 0.1296 -0.0109 0.0201  0.0118  5   DG  B O6    
253 N  N1    . DG  B 5 ? 0.0952 0.1252 0.1197 -0.0090 0.0179  0.0070  5   DG  B N1    
254 C  C2    . DG  B 5 ? 0.0978 0.1246 0.1215 -0.0092 0.0123  0.0094  5   DG  B C2    
255 N  N2    . DG  B 5 ? 0.1038 0.1317 0.1292 -0.0071 0.0139  0.0156  5   DG  B N2    
256 N  N3    . DG  B 5 ? 0.0959 0.1365 0.1229 -0.0040 0.0132  0.0099  5   DG  B N3    
257 C  C4    . DG  B 5 ? 0.1015 0.1317 0.1317 -0.0020 0.0080  0.0028  5   DG  B C4    
258 P  P     . DT  B 6 ? 0.2028 0.2033 0.1589 -0.0394 0.0121  -0.0330 6   DT  B P     
259 O  OP1   . DT  B 6 ? 0.2288 0.2098 0.1768 -0.0331 0.0043  -0.0469 6   DT  B OP1   
260 O  OP2   . DT  B 6 ? 0.2215 0.2113 0.1708 -0.0297 0.0128  -0.0227 6   DT  B OP2   
261 O  "O5'" . DT  B 6 ? 0.2063 0.1870 0.1685 -0.0196 0.0206  -0.0245 6   DT  B "O5'" 
262 C  "C5'" . DT  B 6 ? 0.1880 0.1935 0.1955 -0.0132 0.0107  -0.0157 6   DT  B "C5'" 
263 C  "C4'" . DT  B 6 ? 0.1805 0.1647 0.1861 -0.0043 0.0174  -0.0186 6   DT  B "C4'" 
264 O  "O4'" . DT  B 6 ? 0.1520 0.1638 0.1736 -0.0198 0.0272  -0.0119 6   DT  B "O4'" 
265 C  "C3'" . DT  B 6 ? 0.1742 0.1836 0.1874 -0.0065 0.0125  -0.0117 6   DT  B "C3'" 
266 O  "O3'" . DT  B 6 ? 0.1992 0.2090 0.2480 -0.0003 0.0236  -0.0416 6   DT  B "O3'" 
267 C  "C2'" . DT  B 6 ? 0.1617 0.1564 0.1785 0.0033  0.0190  -0.0091 6   DT  B "C2'" 
268 C  "C1'" . DT  B 6 ? 0.1470 0.1513 0.1568 -0.0109 0.0147  -0.0063 6   DT  B "C1'" 
269 N  N1    . DT  B 6 ? 0.1351 0.1514 0.1607 -0.0171 0.0259  -0.0069 6   DT  B N1    
270 C  C2    . DT  B 6 ? 0.1353 0.1377 0.1536 -0.0167 0.0328  -0.0057 6   DT  B C2    
271 O  O2    . DT  B 6 ? 0.1352 0.1468 0.1600 -0.0165 0.0345  0.0002  6   DT  B O2    
272 N  N3    . DT  B 6 ? 0.1233 0.1407 0.1436 -0.0223 0.0327  0.0050  6   DT  B N3    
273 C  C4    . DT  B 6 ? 0.1374 0.1543 0.1420 -0.0122 0.0275  0.0014  6   DT  B C4    
274 O  O4    . DT  B 6 ? 0.1449 0.1557 0.1557 -0.0089 0.0231  0.0086  6   DT  B O4    
275 C  C5    . DT  B 6 ? 0.1491 0.1546 0.1489 -0.0125 0.0186  -0.0020 6   DT  B C5    
276 C  C7    . DT  B 6 ? 0.1589 0.1626 0.1613 -0.0116 0.0070  -0.0035 6   DT  B C7    
277 C  C6    . DT  B 6 ? 0.1458 0.1520 0.1541 -0.0120 0.0249  -0.0056 6   DT  B C6    
278 P  P     . DG  B 7 ? 0.2284 0.2733 0.2730 -0.0014 0.0493  -0.0619 7   DG  B P     
279 O  OP1   . DG  B 7 ? 0.2519 0.2827 0.2680 0.0101  0.0434  -0.0832 7   DG  B OP1   
280 O  OP2   . DG  B 7 ? 0.2522 0.2607 0.2661 -0.0025 0.0593  -0.0461 7   DG  B OP2   
281 O  "O5'" . DG  B 7 ? 0.2350 0.2210 0.2292 0.0037  0.0267  -0.0399 7   DG  B "O5'" 
282 C  "C5'" . DG  B 7 ? 0.2110 0.2142 0.2278 -0.0237 0.0273  -0.0207 7   DG  B "C5'" 
283 C  "C4'" . DG  B 7 ? 0.1988 0.1826 0.2113 -0.0062 0.0138  -0.0162 7   DG  B "C4'" 
284 O  "O4'" . DG  B 7 ? 0.1971 0.1766 0.2029 -0.0265 0.0330  -0.0101 7   DG  B "O4'" 
285 C  "C3'" . DG  B 7 ? 0.2109 0.1913 0.2208 -0.0128 0.0254  -0.0191 7   DG  B "C3'" 
286 O  "O3'" . DG  B 7 ? 0.2130 0.2375 0.2627 -0.0100 0.0393  -0.0292 7   DG  B "O3'" 
287 C  "C2'" . DG  B 7 ? 0.1941 0.1885 0.1994 -0.0154 0.0096  -0.0203 7   DG  B "C2'" 
288 C  "C1'" . DG  B 7 ? 0.1815 0.1684 0.1906 -0.0180 0.0219  -0.0117 7   DG  B "C1'" 
289 N  N9    . DG  B 7 ? 0.1844 0.1516 0.1718 -0.0299 0.0249  -0.0047 7   DG  B N9    
290 C  C8    . DG  B 7 ? 0.1800 0.1663 0.1710 -0.0297 0.0330  -0.0047 7   DG  B C8    
291 N  N7    . DG  B 7 ? 0.1681 0.1582 0.1605 -0.0347 0.0306  0.0022  7   DG  B N7    
292 C  C5    . DG  B 7 ? 0.1602 0.1488 0.1572 -0.0311 0.0370  -0.0011 7   DG  B C5    
293 C  C6    . DG  B 7 ? 0.1427 0.1441 0.1482 -0.0269 0.0318  0.0046  7   DG  B C6    
294 O  O6    . DG  B 7 ? 0.1548 0.1429 0.1578 -0.0250 0.0350  -0.0048 7   DG  B O6    
295 N  N1    . DG  B 7 ? 0.1499 0.1339 0.1471 -0.0163 0.0264  0.0017  7   DG  B N1    
296 C  C2    . DG  B 7 ? 0.1369 0.1254 0.1356 -0.0250 0.0165  -0.0071 7   DG  B C2    
297 N  N2    . DG  B 7 ? 0.1894 0.1475 0.1407 -0.0339 0.0042  -0.0331 7   DG  B N2    
298 N  N3    . DG  B 7 ? 0.1713 0.1176 0.1498 -0.0293 0.0296  -0.0054 7   DG  B N3    
299 C  C4    . DG  B 7 ? 0.1694 0.1445 0.1652 -0.0297 0.0306  0.0018  7   DG  B C4    
300 P  P     . DC  B 8 ? 0.2335 0.2542 0.2904 -0.0182 0.0623  -0.0580 8   DC  B P     
301 O  OP1   . DC  B 8 ? 0.2792 0.2447 0.3171 -0.0267 0.0457  -0.0630 8   DC  B OP1   
302 O  OP2   . DC  B 8 ? 0.2584 0.2708 0.2941 -0.0197 0.0511  -0.0459 8   DC  B OP2   
303 O  "O5'" . DC  B 8 ? 0.2283 0.2315 0.2606 -0.0065 0.0372  -0.0284 8   DC  B "O5'" 
304 C  "C5'" . DC  B 8 ? 0.2526 0.2265 0.2570 -0.0116 0.0256  -0.0127 8   DC  B "C5'" 
305 C  "C4'" . DC  B 8 ? 0.2116 0.2180 0.2347 0.0054  0.0211  -0.0083 8   DC  B "C4'" 
306 O  "O4'" . DC  B 8 ? 0.2274 0.1846 0.2319 -0.0068 0.0297  -0.0012 8   DC  B "O4'" 
307 C  "C3'" . DC  B 8 ? 0.2099 0.2227 0.2271 0.0011  0.0179  -0.0103 8   DC  B "C3'" 
308 O  "O3'" . DC  B 8 ? 0.2247 0.2561 0.2454 0.0012  0.0445  -0.0160 8   DC  B "O3'" 
309 C  "C2'" . DC  B 8 ? 0.1998 0.2087 0.2119 0.0000  0.0174  0.0068  8   DC  B "C2'" 
310 C  "C1'" . DC  B 8 ? 0.2025 0.1815 0.1991 0.0002  0.0110  0.0033  8   DC  B "C1'" 
311 N  N1    . DC  B 8 ? 0.1869 0.1568 0.1833 -0.0124 0.0309  0.0015  8   DC  B N1    
312 C  C2    . DC  B 8 ? 0.1722 0.1508 0.1730 -0.0090 0.0322  0.0101  8   DC  B C2    
313 O  O2    . DC  B 8 ? 0.1842 0.1476 0.1911 -0.0079 0.0240  0.0009  8   DC  B O2    
314 N  N3    . DC  B 8 ? 0.1563 0.1487 0.1607 -0.0216 0.0307  0.0111  8   DC  B N3    
315 C  C4    . DC  B 8 ? 0.1717 0.1460 0.1641 -0.0278 0.0251  0.0068  8   DC  B C4    
316 N  N4    . DC  B 8 ? 0.1619 0.1447 0.1599 -0.0367 0.0212  0.0131  8   DC  B N4    
317 C  C5    . DC  B 8 ? 0.1664 0.1484 0.1692 -0.0319 0.0236  0.0013  8   DC  B C5    
318 C  C6    . DC  B 8 ? 0.1827 0.1636 0.1798 -0.0145 0.0316  0.0096  8   DC  B C6    
319 HG HG    . HG  C . ? 0.1257 0.1047 0.1216 -0.0089 0.0003  0.0011  101 HG  A HG    
320 HG HG    . HG  D . ? 0.1066 0.1266 0.1489 -0.0158 0.0385  0.0102  101 HG  B HG    
321 C  C1    . PDO E . ? 0.2029 0.1897 0.1901 -0.0032 0.0117  0.0109  102 PDO B C1    
322 O  O1    . PDO E . ? 0.2229 0.2052 0.1998 0.0106  0.0065  0.0356  102 PDO B O1    
323 C  C2    . PDO E . ? 0.1990 0.1972 0.1908 -0.0033 0.0090  0.0048  102 PDO B C2    
324 C  C3    . PDO E . ? 0.1913 0.1750 0.1849 -0.0151 0.0136  0.0057  102 PDO B C3    
325 O  O3    . PDO E . ? 0.1603 0.1584 0.1798 -0.0274 0.0128  0.0142  102 PDO B O3    
326 O  O     . HOH F . ? 0.2704 0.2243 0.1727 -0.0066 0.0000  0.0630  201 HOH A O     
327 O  O     . HOH F . ? 0.1888 0.3793 0.2799 -0.0090 0.0289  0.0369  202 HOH A O     
328 O  O     . HOH F . ? 0.2321 0.2218 0.2488 -0.0653 0.0039  0.0348  203 HOH A O     
329 O  O     . HOH F . ? 0.2223 0.2755 0.2375 -0.0097 0.0090  0.0421  204 HOH A O     
330 O  O     . HOH F . ? 0.2452 0.2022 0.2627 -0.0425 0.0162  0.0179  205 HOH A O     
331 O  O     . HOH F . ? 0.1675 0.1803 0.1845 -0.0072 0.0457  0.0488  206 HOH A O     
332 O  O     . HOH F . ? 0.3111 0.2241 0.3280 -0.0144 0.0486  0.0664  207 HOH A O     
333 O  O     . HOH F . ? 0.2766 0.2371 0.2228 -0.0175 0.0384  0.0156  208 HOH A O     
334 O  O     . HOH F . ? 0.1527 0.1636 0.1625 -0.0402 -0.0194 0.0177  209 HOH A O     
335 O  O     . HOH F . ? 0.1894 0.2279 0.2637 -0.0964 0.0376  -0.0384 210 HOH A O     
336 O  O     . HOH F . ? 0.1904 0.1679 0.2343 -0.0333 0.0154  -0.0026 211 HOH A O     
337 O  O     . HOH F . ? 0.3189 0.2045 0.2534 0.0889  0.1214  0.0330  212 HOH A O     
338 O  O     . HOH F . ? 0.2032 0.1956 0.2181 -0.0358 0.0219  0.0269  213 HOH A O     
339 O  O     . HOH F . ? 0.3077 0.2658 0.4084 0.0333  0.0713  0.0259  214 HOH A O     
340 O  O     . HOH F . ? 0.2392 0.1610 0.3011 -0.0276 -0.0154 -0.0040 215 HOH A O     
341 O  O     . HOH F . ? 0.2518 0.2615 0.3310 -0.0060 0.0802  -0.0155 216 HOH A O     
342 O  O     . HOH F . ? 0.4057 0.2233 0.2918 -0.0083 -0.0234 0.0227  217 HOH A O     
343 O  O     . HOH F . ? 0.3068 0.1947 0.2266 -0.0305 0.0451  -0.0681 218 HOH A O     
344 O  O     . HOH F . ? 0.3134 0.3463 0.3768 -0.0006 -0.0084 -0.0071 219 HOH A O     
345 O  O     . HOH F . ? 0.2391 0.2761 0.2984 -0.0394 -0.0118 0.0063  220 HOH A O     
346 O  O     . HOH F . ? 0.3246 0.3605 0.3138 -0.0371 0.0088  -0.0518 221 HOH A O     
347 O  O     . HOH F . ? 0.2051 0.2429 0.3775 -0.0435 0.0724  -0.0441 222 HOH A O     
348 O  O     . HOH F . ? 0.2144 0.2422 0.3154 0.0135  0.0098  0.0246  223 HOH A O     
349 O  O     . HOH F . ? 0.3137 0.2567 0.2632 0.0046  -0.0109 0.0033  224 HOH A O     
350 O  O     . HOH F . ? 0.1551 0.1995 0.2404 -0.0021 0.0084  0.0495  225 HOH A O     
351 O  O     . HOH F . ? 0.2744 0.3594 0.6317 0.0766  0.0320  -0.0822 226 HOH A O     
352 O  O     . HOH F . ? 0.3805 0.3404 0.3341 -0.0400 0.0386  -0.0093 227 HOH A O     
353 O  O     . HOH F . ? 0.2232 0.1952 0.3581 -0.0337 -0.0408 -0.0241 228 HOH A O     
354 O  O     . HOH F . ? 0.3086 0.2329 0.3164 -0.0051 0.0332  0.0871  229 HOH A O     
355 O  O     . HOH F . ? 0.1677 0.2184 0.2648 0.0033  0.0442  0.0691  230 HOH A O     
356 O  O     . HOH F . ? 0.2692 0.3143 0.2134 -0.0588 -0.0396 0.0450  231 HOH A O     
357 O  O     . HOH F . ? 0.2865 0.2673 0.2007 -0.0045 0.0140  0.0570  232 HOH A O     
358 O  O     . HOH F . ? 0.1838 0.2181 0.2097 -0.0121 0.0354  0.0548  233 HOH A O     
359 O  O     . HOH F . ? 0.1586 0.2062 0.1956 -0.0315 -0.0134 0.0450  234 HOH A O     
360 O  O     . HOH F . ? 0.2058 0.2068 0.1779 -0.0299 0.0338  0.0737  235 HOH A O     
361 O  O     . HOH F . ? 0.2888 0.3754 0.3139 -0.0102 0.0119  0.0198  236 HOH A O     
362 O  O     . HOH G . ? 0.2963 0.2380 0.2487 0.0234  -0.0551 -0.0419 201 HOH B O     
363 O  O     . HOH G . ? 0.2728 0.3428 0.2890 -0.0114 0.0098  0.0321  202 HOH B O     
364 O  O     . HOH G . ? 0.1929 0.3629 0.2691 -0.0209 0.0180  0.0877  203 HOH B O     
365 O  O     . HOH G . ? 0.3168 0.3036 0.2932 -0.0201 0.0044  -0.0342 204 HOH B O     
366 O  O     . HOH G . ? 0.2524 0.1758 0.2576 0.0290  0.0099  -0.0082 205 HOH B O     
367 O  O     . HOH G . ? 0.1742 0.1839 0.1992 -0.0200 0.0243  0.0354  206 HOH B O     
368 O  O     . HOH G . ? 0.3755 0.2851 0.4223 0.0086  0.0290  -0.0685 207 HOH B O     
369 O  O     . HOH G . ? 0.2047 0.1548 0.2307 -0.0882 -0.0493 0.0557  208 HOH B O     
370 O  O     . HOH G . ? 0.1874 0.2939 0.1395 -0.0728 -0.0256 0.0303  209 HOH B O     
371 O  O     . HOH G . ? 0.2691 0.2041 0.2547 0.0143  0.0326  0.0233  210 HOH B O     
372 O  O     . HOH G . ? 0.2660 0.2145 0.2055 0.0546  -0.0182 0.0519  211 HOH B O     
373 O  O     . HOH G . ? 0.2959 0.3229 0.2640 0.0016  0.0050  0.0436  212 HOH B O     
374 O  O     . HOH G . ? 0.2812 0.2226 0.3986 -0.0064 -0.0521 -0.0051 213 HOH B O     
375 O  O     . HOH G . ? 0.2396 0.1965 0.2395 0.0335  0.0386  0.0579  214 HOH B O     
376 O  O     . HOH G . ? 0.2451 0.2947 0.2840 0.0163  -0.0279 0.0079  215 HOH B O     
377 O  O     . HOH G . ? 0.2119 0.1515 0.4491 -0.0338 0.1113  0.0607  216 HOH B O     
378 O  O     . HOH G . ? 0.3688 0.3216 0.2944 0.0098  0.0266  0.0682  217 HOH B O     
379 O  O     . HOH G . ? 0.2484 0.4300 0.2655 0.0204  0.0139  0.0383  218 HOH B O     
380 O  O     . HOH G . ? 0.3581 0.3431 0.2876 -0.0409 0.0460  0.0154  219 HOH B O     
381 O  O     . HOH G . ? 0.2468 0.2539 0.2879 -0.0114 0.0026  -0.0023 220 HOH B O     
382 O  O     . HOH G . ? 0.1924 0.2537 0.2641 0.0022  0.0259  0.0591  221 HOH B O     
383 O  O     . HOH G . ? 0.2957 0.3309 0.4352 -0.0730 0.0301  0.0674  222 HOH B O     
384 O  O     . HOH G . ? 0.2844 0.1939 0.3373 0.0022  -0.0270 0.0045  223 HOH B O     
385 O  O     . HOH G . ? 0.2412 0.4708 0.2646 -0.0605 -0.0131 0.0757  224 HOH B O     
386 O  O     . HOH G . ? 0.2342 0.3913 0.2497 -0.0555 -0.0424 0.0323  225 HOH B O     
387 O  O     . HOH G . ? 0.2841 0.4295 0.2452 0.0855  0.0185  -0.0525 226 HOH B O     
# 
